data_1GTJ
#
_entry.id   1GTJ
#
_cell.length_a   54.760
_cell.length_b   78.170
_cell.length_c   72.990
_cell.angle_alpha   90.00
_cell.angle_beta   98.11
_cell.angle_gamma   90.00
#
_symmetry.space_group_name_H-M   'P 1 21 1'
#
loop_
_entity.id
_entity.type
_entity.pdbx_description
1 polymer KUMAMOLYSIN
2 polymer 'ALDEHYDE INHIBITOR'
3 non-polymer 'SULFATE ION'
4 non-polymer 'CALCIUM ION'
5 water water
#
loop_
_entity_poly.entity_id
_entity_poly.type
_entity_poly.pdbx_seq_one_letter_code
_entity_poly.pdbx_strand_id
1 'polypeptide(L)'
;AAPTAYTPLDVAQAYQFPEGLDGQGQCIAIIELGGGYDETSLAQYFASLGVSAPQVVSVSVDGATNQPTGDPNGPDGEVE
LDIEVAGALAPGAKIAVYFAPNTDAGFLNAITTAVHDPTHKPSIVSISWGGPEDSWAPASIAAMNRAFLDAAALGVTVLA
AAGDSGSTDGEQDGLYHVDFPAASPYVLACGGTRLVASAGRIERETVWNDGPDGGSTGGGVSRIFPLPSWQERANVPPSA
NPGAGSGRGVPDVAGNADPATGYEVVIDGETTVIGGTSAVAPLFAALVARINQKLGKPVGYLNPTLYQLPPEVFHDITEG
NNDIANRARIYQAGPGWDPCTGLGSPIGIRLLQALLP
;
1,2
2 'polypeptide(L)' (ACE)IA(PHL) 3,4
#
# COMPACT_ATOMS: atom_id res chain seq x y z
N ALA A 1 12.50 -0.40 -8.82
CA ALA A 1 13.60 0.39 -8.21
C ALA A 1 13.52 0.35 -6.69
N ALA A 2 12.79 1.29 -6.11
CA ALA A 2 12.63 1.36 -4.65
C ALA A 2 11.68 0.26 -4.21
N PRO A 3 12.04 -0.49 -3.16
CA PRO A 3 11.13 -1.56 -2.73
C PRO A 3 9.82 -0.98 -2.17
N THR A 4 8.73 -1.72 -2.38
CA THR A 4 7.42 -1.27 -1.92
C THR A 4 6.75 -2.45 -1.24
N ALA A 5 5.51 -2.25 -0.80
CA ALA A 5 4.77 -3.34 -0.18
C ALA A 5 3.27 -3.07 -0.33
N TYR A 6 2.47 -4.13 -0.16
CA TYR A 6 1.02 -4.01 -0.26
C TYR A 6 0.38 -4.73 0.91
N THR A 7 -0.86 -4.36 1.24
CA THR A 7 -1.53 -5.17 2.25
C THR A 7 -2.17 -6.23 1.34
N PRO A 8 -2.59 -7.37 1.92
CA PRO A 8 -3.22 -8.41 1.10
C PRO A 8 -4.46 -7.88 0.35
N LEU A 9 -5.20 -6.95 0.95
CA LEU A 9 -6.39 -6.41 0.29
C LEU A 9 -6.04 -5.67 -1.00
N ASP A 10 -4.84 -5.05 -1.03
CA ASP A 10 -4.42 -4.34 -2.23
C ASP A 10 -4.14 -5.30 -3.38
N VAL A 11 -3.50 -6.43 -3.08
CA VAL A 11 -3.20 -7.40 -4.12
C VAL A 11 -4.48 -8.06 -4.59
N ALA A 12 -5.39 -8.38 -3.65
CA ALA A 12 -6.65 -9.01 -4.03
C ALA A 12 -7.40 -8.08 -5.00
N GLN A 13 -7.37 -6.77 -4.70
CA GLN A 13 -8.05 -5.79 -5.56
C GLN A 13 -7.42 -5.74 -6.96
N ALA A 14 -6.09 -5.81 -7.01
CA ALA A 14 -5.37 -5.78 -8.28
C ALA A 14 -5.76 -6.98 -9.15
N TYR A 15 -5.95 -8.14 -8.50
CA TYR A 15 -6.33 -9.37 -9.19
C TYR A 15 -7.85 -9.50 -9.29
N GLN A 16 -8.55 -8.41 -9.01
CA GLN A 16 -9.99 -8.38 -9.09
C GLN A 16 -10.71 -9.56 -8.45
N PHE A 17 -10.42 -9.81 -7.17
CA PHE A 17 -11.09 -10.89 -6.46
C PHE A 17 -12.57 -10.51 -6.47
N PRO A 18 -13.46 -11.50 -6.58
CA PRO A 18 -14.89 -11.21 -6.59
C PRO A 18 -15.40 -10.58 -5.29
N GLU A 19 -16.12 -9.47 -5.43
CA GLU A 19 -16.63 -8.73 -4.28
C GLU A 19 -17.84 -9.38 -3.62
N GLY A 20 -18.08 -9.01 -2.36
CA GLY A 20 -19.24 -9.53 -1.66
C GLY A 20 -19.18 -10.98 -1.21
N LEU A 21 -17.99 -11.56 -1.29
CA LEU A 21 -17.77 -12.95 -0.89
C LEU A 21 -16.58 -12.93 0.06
N ASP A 22 -16.69 -13.66 1.17
CA ASP A 22 -15.61 -13.68 2.16
C ASP A 22 -15.20 -15.08 2.59
N GLY A 23 -15.76 -16.08 1.93
CA GLY A 23 -15.43 -17.45 2.26
C GLY A 23 -16.32 -18.09 3.30
N GLN A 24 -17.41 -17.41 3.66
CA GLN A 24 -18.31 -17.97 4.67
C GLN A 24 -18.70 -19.41 4.31
N GLY A 25 -18.69 -20.28 5.30
CA GLY A 25 -19.07 -21.66 5.05
C GLY A 25 -17.95 -22.57 4.57
N GLN A 26 -16.78 -21.99 4.32
CA GLN A 26 -15.64 -22.78 3.86
C GLN A 26 -14.57 -22.90 4.95
N CYS A 27 -13.78 -23.97 4.89
CA CYS A 27 -12.67 -24.14 5.84
C CYS A 27 -11.41 -24.32 5.01
N ILE A 28 -10.41 -23.49 5.28
CA ILE A 28 -9.13 -23.59 4.58
C ILE A 28 -8.15 -24.26 5.52
N ALA A 29 -7.51 -25.36 5.08
CA ALA A 29 -6.52 -26.03 5.90
C ALA A 29 -5.15 -25.49 5.46
N ILE A 30 -4.27 -25.19 6.41
CA ILE A 30 -2.93 -24.69 6.08
C ILE A 30 -1.92 -25.65 6.75
N ILE A 31 -0.98 -26.19 5.98
CA ILE A 31 -0.01 -27.17 6.47
C ILE A 31 1.25 -26.44 6.97
N GLU A 32 1.71 -26.83 8.15
CA GLU A 32 2.92 -26.19 8.71
C GLU A 32 3.86 -27.25 9.33
N LEU A 33 5.15 -27.17 9.00
CA LEU A 33 6.14 -28.13 9.49
C LEU A 33 7.06 -27.53 10.56
N GLY A 34 6.71 -26.32 11.01
CA GLY A 34 7.52 -25.66 12.03
C GLY A 34 6.88 -24.38 12.53
N GLY A 35 7.47 -23.80 13.57
CA GLY A 35 6.95 -22.56 14.13
C GLY A 35 5.54 -22.60 14.67
N GLY A 36 4.93 -21.41 14.76
CA GLY A 36 3.57 -21.29 15.24
C GLY A 36 3.06 -19.87 15.07
N TYR A 37 1.88 -19.60 15.62
CA TYR A 37 1.29 -18.28 15.55
C TYR A 37 0.84 -17.88 16.95
N ASP A 38 0.74 -16.56 17.15
CA ASP A 38 0.32 -15.99 18.42
C ASP A 38 -0.95 -15.17 18.15
N GLU A 39 -1.92 -15.26 19.05
CA GLU A 39 -3.16 -14.54 18.87
C GLU A 39 -3.00 -13.01 18.83
N THR A 40 -1.97 -12.48 19.49
CA THR A 40 -1.78 -11.04 19.51
C THR A 40 -1.51 -10.46 18.13
N SER A 41 -0.54 -11.02 17.43
CA SER A 41 -0.24 -10.54 16.09
C SER A 41 -1.45 -10.64 15.15
N LEU A 42 -2.14 -11.79 15.17
CA LEU A 42 -3.28 -12.00 14.28
C LEU A 42 -4.40 -11.01 14.56
N ALA A 43 -4.67 -10.79 15.84
CA ALA A 43 -5.72 -9.84 16.26
C ALA A 43 -5.35 -8.45 15.79
N GLN A 44 -4.14 -8.02 16.09
CA GLN A 44 -3.68 -6.70 15.69
C GLN A 44 -3.80 -6.54 14.18
N TYR A 45 -3.37 -7.56 13.46
CA TYR A 45 -3.40 -7.50 12.02
C TYR A 45 -4.79 -7.39 11.42
N PHE A 46 -5.68 -8.32 11.76
CA PHE A 46 -7.01 -8.26 11.16
C PHE A 46 -7.69 -6.95 11.52
N ALA A 47 -7.50 -6.51 12.75
CA ALA A 47 -8.09 -5.24 13.17
C ALA A 47 -7.50 -4.09 12.33
N SER A 48 -6.20 -4.13 12.06
CA SER A 48 -5.60 -3.06 11.26
C SER A 48 -6.20 -2.94 9.85
N LEU A 49 -6.65 -4.06 9.28
CA LEU A 49 -7.22 -4.04 7.92
C LEU A 49 -8.72 -3.85 7.88
N GLY A 50 -9.35 -3.76 9.05
CA GLY A 50 -10.78 -3.57 9.08
C GLY A 50 -11.61 -4.79 8.76
N VAL A 51 -11.05 -5.99 8.88
CA VAL A 51 -11.85 -7.17 8.60
C VAL A 51 -12.08 -7.95 9.89
N SER A 52 -13.23 -8.61 9.98
CA SER A 52 -13.54 -9.39 11.17
C SER A 52 -12.60 -10.59 11.14
N ALA A 53 -11.97 -10.89 12.27
CA ALA A 53 -11.02 -12.00 12.32
C ALA A 53 -11.59 -13.39 12.15
N PRO A 54 -11.05 -14.17 11.19
CA PRO A 54 -11.60 -15.52 11.02
C PRO A 54 -11.23 -16.37 12.24
N GLN A 55 -11.99 -17.44 12.45
CA GLN A 55 -11.67 -18.35 13.55
C GLN A 55 -10.46 -19.13 13.05
N VAL A 56 -9.43 -19.25 13.88
CA VAL A 56 -8.24 -20.00 13.51
C VAL A 56 -8.01 -21.05 14.60
N VAL A 57 -7.84 -22.30 14.20
CA VAL A 57 -7.61 -23.35 15.18
C VAL A 57 -6.42 -24.20 14.76
N SER A 58 -5.72 -24.78 15.73
CA SER A 58 -4.56 -25.63 15.43
C SER A 58 -4.92 -27.10 15.54
N VAL A 59 -4.25 -27.94 14.75
CA VAL A 59 -4.49 -29.38 14.77
C VAL A 59 -3.12 -30.03 14.90
N SER A 60 -2.99 -30.93 15.87
CA SER A 60 -1.72 -31.60 16.10
C SER A 60 -1.60 -32.89 15.31
N VAL A 61 -0.55 -32.99 14.50
CA VAL A 61 -0.26 -34.19 13.71
C VAL A 61 1.03 -34.79 14.23
N ASP A 62 1.01 -36.07 14.56
CA ASP A 62 2.19 -36.74 15.06
C ASP A 62 2.89 -36.04 16.21
N GLY A 63 2.10 -35.52 17.15
CA GLY A 63 2.66 -34.85 18.31
C GLY A 63 3.08 -33.41 18.14
N ALA A 64 3.16 -32.93 16.91
CA ALA A 64 3.57 -31.53 16.69
C ALA A 64 2.45 -30.56 17.08
N THR A 65 2.82 -29.36 17.52
CA THR A 65 1.81 -28.40 17.96
C THR A 65 2.18 -26.99 17.55
N ASN A 66 1.27 -26.06 17.83
CA ASN A 66 1.47 -24.65 17.54
C ASN A 66 2.50 -24.13 18.55
N GLN A 67 3.70 -23.83 18.08
CA GLN A 67 4.75 -23.37 18.98
C GLN A 67 5.62 -22.28 18.35
N PRO A 68 5.19 -21.02 18.48
CA PRO A 68 6.00 -19.94 17.91
C PRO A 68 7.38 -19.92 18.56
N THR A 69 8.41 -19.61 17.77
CA THR A 69 9.75 -19.55 18.32
C THR A 69 10.01 -18.13 18.80
N GLY A 70 9.16 -17.18 18.38
CA GLY A 70 9.31 -15.80 18.80
C GLY A 70 10.18 -14.94 17.90
N ASP A 71 10.85 -15.56 16.93
CA ASP A 71 11.75 -14.86 16.00
C ASP A 71 10.94 -14.49 14.75
N PRO A 72 10.74 -13.19 14.49
CA PRO A 72 9.97 -12.80 13.31
C PRO A 72 10.58 -13.24 11.97
N ASN A 73 11.87 -13.57 11.99
CA ASN A 73 12.56 -14.02 10.78
C ASN A 73 12.67 -15.54 10.65
N GLY A 74 12.06 -16.27 11.59
CA GLY A 74 12.09 -17.73 11.54
C GLY A 74 10.79 -18.26 10.95
N PRO A 75 10.45 -19.55 11.17
CA PRO A 75 9.23 -20.16 10.64
C PRO A 75 7.91 -19.49 11.09
N ASP A 76 7.93 -18.72 12.18
CA ASP A 76 6.70 -18.03 12.59
C ASP A 76 6.31 -17.13 11.42
N GLY A 77 7.32 -16.69 10.66
CA GLY A 77 7.05 -15.83 9.52
C GLY A 77 6.19 -16.58 8.50
N GLU A 78 6.52 -17.84 8.24
CA GLU A 78 5.74 -18.65 7.29
C GLU A 78 4.32 -18.89 7.82
N VAL A 79 4.24 -19.32 9.08
CA VAL A 79 2.94 -19.64 9.66
C VAL A 79 2.01 -18.43 9.69
N GLU A 80 2.52 -17.32 10.19
CA GLU A 80 1.68 -16.12 10.30
C GLU A 80 1.39 -15.49 8.95
N LEU A 81 2.35 -15.51 8.03
CA LEU A 81 2.09 -15.00 6.67
C LEU A 81 0.91 -15.76 6.06
N ASP A 82 0.97 -17.08 6.19
CA ASP A 82 -0.07 -17.94 5.61
C ASP A 82 -1.46 -17.61 6.15
N ILE A 83 -1.56 -17.49 7.46
CA ILE A 83 -2.84 -17.19 8.09
C ILE A 83 -3.28 -15.76 7.82
N GLU A 84 -2.35 -14.82 7.87
CA GLU A 84 -2.72 -13.43 7.63
C GLU A 84 -3.18 -13.15 6.20
N VAL A 85 -2.51 -13.73 5.22
CA VAL A 85 -2.90 -13.50 3.82
C VAL A 85 -4.24 -14.20 3.51
N ALA A 86 -4.33 -15.48 3.83
CA ALA A 86 -5.56 -16.23 3.54
C ALA A 86 -6.72 -15.70 4.38
N GLY A 87 -6.45 -15.41 5.65
CA GLY A 87 -7.52 -14.93 6.53
C GLY A 87 -8.00 -13.51 6.24
N ALA A 88 -7.10 -12.65 5.79
CA ALA A 88 -7.50 -11.29 5.52
C ALA A 88 -8.39 -11.23 4.28
N LEU A 89 -8.22 -12.20 3.38
CA LEU A 89 -8.96 -12.23 2.12
C LEU A 89 -10.21 -13.13 2.09
N ALA A 90 -10.26 -14.10 3.00
CA ALA A 90 -11.41 -15.00 3.17
C ALA A 90 -11.68 -14.99 4.68
N PRO A 91 -11.96 -13.81 5.24
CA PRO A 91 -12.21 -13.69 6.69
C PRO A 91 -13.43 -14.44 7.22
N GLY A 92 -14.33 -14.83 6.32
CA GLY A 92 -15.51 -15.56 6.74
C GLY A 92 -15.23 -17.05 6.78
N ALA A 93 -14.10 -17.45 6.21
CA ALA A 93 -13.75 -18.86 6.19
C ALA A 93 -13.20 -19.26 7.55
N LYS A 94 -13.21 -20.55 7.86
CA LYS A 94 -12.63 -21.04 9.13
C LYS A 94 -11.24 -21.54 8.72
N ILE A 95 -10.23 -21.23 9.51
CA ILE A 95 -8.87 -21.61 9.17
C ILE A 95 -8.36 -22.67 10.15
N ALA A 96 -7.92 -23.80 9.64
CA ALA A 96 -7.42 -24.90 10.46
C ALA A 96 -5.96 -25.09 10.10
N VAL A 97 -5.10 -24.90 11.09
CA VAL A 97 -3.65 -25.00 10.85
C VAL A 97 -3.13 -26.33 11.38
N TYR A 98 -2.58 -27.14 10.48
CA TYR A 98 -2.07 -28.45 10.84
C TYR A 98 -0.57 -28.45 11.02
N PHE A 99 -0.14 -28.74 12.26
CA PHE A 99 1.30 -28.78 12.58
C PHE A 99 1.80 -30.22 12.63
N ALA A 100 2.90 -30.48 11.91
CA ALA A 100 3.50 -31.80 11.85
C ALA A 100 5.01 -31.72 11.93
N PRO A 101 5.66 -32.85 12.28
CA PRO A 101 7.12 -32.88 12.36
C PRO A 101 7.64 -32.57 10.97
N ASN A 102 8.83 -31.99 10.89
CA ASN A 102 9.40 -31.73 9.58
C ASN A 102 10.16 -32.96 9.13
N THR A 103 9.42 -33.98 8.68
CA THR A 103 9.97 -35.23 8.16
C THR A 103 9.11 -35.60 6.96
N ASP A 104 9.55 -36.58 6.17
CA ASP A 104 8.75 -36.99 5.02
C ASP A 104 7.38 -37.50 5.45
N ALA A 105 7.34 -38.30 6.50
CA ALA A 105 6.07 -38.85 6.98
C ALA A 105 5.20 -37.79 7.63
N GLY A 106 5.82 -36.84 8.30
CA GLY A 106 5.04 -35.78 8.92
C GLY A 106 4.29 -34.94 7.89
N PHE A 107 4.98 -34.61 6.79
CA PHE A 107 4.40 -33.80 5.71
C PHE A 107 3.24 -34.61 5.14
N LEU A 108 3.48 -35.87 4.80
CA LEU A 108 2.45 -36.75 4.27
C LEU A 108 1.24 -36.86 5.22
N ASN A 109 1.52 -37.15 6.48
CA ASN A 109 0.44 -37.33 7.46
C ASN A 109 -0.35 -36.06 7.68
N ALA A 110 0.29 -34.91 7.57
CA ALA A 110 -0.44 -33.66 7.74
C ALA A 110 -1.43 -33.51 6.57
N ILE A 111 -0.98 -33.87 5.37
CA ILE A 111 -1.86 -33.76 4.22
C ILE A 111 -3.04 -34.71 4.37
N THR A 112 -2.76 -35.98 4.62
CA THR A 112 -3.85 -36.96 4.73
C THR A 112 -4.79 -36.60 5.88
N THR A 113 -4.21 -36.14 6.99
CA THR A 113 -5.04 -35.77 8.13
C THR A 113 -5.99 -34.64 7.76
N ALA A 114 -5.45 -33.58 7.14
CA ALA A 114 -6.27 -32.44 6.75
C ALA A 114 -7.32 -32.83 5.71
N VAL A 115 -6.88 -33.51 4.65
CA VAL A 115 -7.81 -33.90 3.60
C VAL A 115 -9.00 -34.75 4.08
N HIS A 116 -8.76 -35.63 5.02
CA HIS A 116 -9.85 -36.51 5.50
C HIS A 116 -10.51 -36.12 6.81
N ASP A 117 -10.12 -34.96 7.35
CA ASP A 117 -10.60 -34.44 8.63
C ASP A 117 -12.12 -34.26 8.68
N PRO A 118 -12.83 -35.14 9.42
CA PRO A 118 -14.28 -35.03 9.52
C PRO A 118 -14.75 -33.94 10.47
N THR A 119 -13.82 -33.39 11.24
CA THR A 119 -14.18 -32.33 12.17
C THR A 119 -14.15 -30.97 11.48
N HIS A 120 -13.05 -30.68 10.80
CA HIS A 120 -12.92 -29.39 10.14
C HIS A 120 -13.36 -29.39 8.68
N LYS A 121 -13.30 -30.56 8.05
CA LYS A 121 -13.76 -30.70 6.67
C LYS A 121 -13.32 -29.60 5.71
N PRO A 122 -12.01 -29.40 5.58
CA PRO A 122 -11.56 -28.33 4.66
C PRO A 122 -11.87 -28.65 3.22
N SER A 123 -12.15 -27.61 2.44
CA SER A 123 -12.44 -27.78 1.03
C SER A 123 -11.19 -27.35 0.26
N ILE A 124 -10.25 -26.76 0.99
CA ILE A 124 -9.02 -26.21 0.42
C ILE A 124 -7.85 -26.48 1.36
N VAL A 125 -6.70 -26.85 0.79
CA VAL A 125 -5.47 -27.09 1.54
C VAL A 125 -4.38 -26.21 0.90
N SER A 126 -3.78 -25.34 1.70
CA SER A 126 -2.71 -24.44 1.24
C SER A 126 -1.36 -24.90 1.82
N ILE A 127 -0.37 -25.07 0.93
CA ILE A 127 0.96 -25.53 1.29
C ILE A 127 2.03 -24.56 0.81
N SER A 128 2.94 -24.18 1.73
CA SER A 128 4.01 -23.24 1.40
C SER A 128 5.38 -23.78 1.84
N TRP A 129 5.50 -25.11 1.83
CA TRP A 129 6.73 -25.81 2.19
C TRP A 129 7.06 -26.81 1.07
N GLY A 130 8.33 -27.12 0.89
CA GLY A 130 8.65 -28.09 -0.14
C GLY A 130 10.14 -28.41 -0.24
N GLY A 131 10.51 -28.98 -1.38
CA GLY A 131 11.89 -29.32 -1.64
C GLY A 131 12.04 -29.80 -3.08
N PRO A 132 13.27 -29.80 -3.65
CA PRO A 132 13.53 -30.25 -5.03
C PRO A 132 12.90 -31.61 -5.22
N GLU A 133 12.16 -31.86 -6.30
CA GLU A 133 11.51 -33.17 -6.45
C GLU A 133 12.50 -34.32 -6.46
N ASP A 134 13.68 -34.08 -7.00
CA ASP A 134 14.73 -35.11 -7.10
C ASP A 134 15.48 -35.34 -5.78
N SER A 135 15.25 -34.47 -4.79
CA SER A 135 15.89 -34.57 -3.47
C SER A 135 15.05 -35.35 -2.46
N TRP A 136 13.79 -35.62 -2.81
CA TRP A 136 12.87 -36.36 -1.95
C TRP A 136 12.99 -37.87 -2.21
N ALA A 137 12.80 -38.69 -1.17
CA ALA A 137 12.82 -40.14 -1.35
C ALA A 137 11.68 -40.46 -2.30
N PRO A 138 11.93 -41.30 -3.31
CA PRO A 138 10.89 -41.66 -4.29
C PRO A 138 9.61 -42.18 -3.62
N ALA A 139 9.76 -42.92 -2.54
CA ALA A 139 8.58 -43.44 -1.86
C ALA A 139 7.71 -42.31 -1.32
N SER A 140 8.33 -41.25 -0.84
CA SER A 140 7.59 -40.13 -0.28
C SER A 140 6.87 -39.35 -1.37
N ILE A 141 7.54 -39.15 -2.50
CA ILE A 141 6.89 -38.44 -3.61
C ILE A 141 5.65 -39.23 -4.06
N ALA A 142 5.80 -40.55 -4.13
CA ALA A 142 4.66 -41.36 -4.57
C ALA A 142 3.52 -41.30 -3.57
N ALA A 143 3.86 -41.40 -2.29
CA ALA A 143 2.83 -41.38 -1.26
C ALA A 143 2.10 -40.04 -1.21
N MET A 144 2.85 -38.95 -1.27
CA MET A 144 2.25 -37.63 -1.21
C MET A 144 1.42 -37.35 -2.47
N ASN A 145 1.93 -37.76 -3.62
CA ASN A 145 1.20 -37.60 -4.88
C ASN A 145 -0.15 -38.36 -4.82
N ARG A 146 -0.14 -39.56 -4.24
CA ARG A 146 -1.41 -40.29 -4.14
C ARG A 146 -2.34 -39.53 -3.17
N ALA A 147 -1.78 -38.96 -2.10
CA ALA A 147 -2.63 -38.22 -1.18
C ALA A 147 -3.30 -37.01 -1.89
N PHE A 148 -2.59 -36.36 -2.81
CA PHE A 148 -3.18 -35.22 -3.54
C PHE A 148 -4.23 -35.72 -4.54
N LEU A 149 -3.99 -36.90 -5.09
CA LEU A 149 -4.94 -37.51 -6.04
C LEU A 149 -6.24 -37.78 -5.26
N ASP A 150 -6.07 -38.30 -4.05
N ASP A 150 -6.10 -38.32 -4.05
CA ASP A 150 -7.20 -38.62 -3.17
CA ASP A 150 -7.27 -38.61 -3.23
C ASP A 150 -7.99 -37.35 -2.87
C ASP A 150 -8.02 -37.32 -2.92
N ALA A 151 -7.28 -36.25 -2.65
CA ALA A 151 -7.91 -34.96 -2.36
C ALA A 151 -8.75 -34.54 -3.56
N ALA A 152 -8.20 -34.75 -4.76
CA ALA A 152 -8.90 -34.39 -5.99
C ALA A 152 -10.19 -35.19 -6.09
N ALA A 153 -10.10 -36.49 -5.86
CA ALA A 153 -11.28 -37.34 -5.94
C ALA A 153 -12.34 -36.93 -4.91
N LEU A 154 -11.92 -36.35 -3.80
CA LEU A 154 -12.83 -35.92 -2.75
C LEU A 154 -13.36 -34.48 -2.89
N GLY A 155 -12.86 -33.74 -3.87
CA GLY A 155 -13.35 -32.38 -4.06
C GLY A 155 -12.66 -31.31 -3.21
N VAL A 156 -11.40 -31.56 -2.86
CA VAL A 156 -10.60 -30.65 -2.04
C VAL A 156 -9.48 -30.11 -2.92
N THR A 157 -9.38 -28.78 -3.00
CA THR A 157 -8.35 -28.12 -3.81
C THR A 157 -7.05 -28.08 -3.02
N VAL A 158 -5.93 -28.44 -3.64
CA VAL A 158 -4.65 -28.35 -2.94
C VAL A 158 -3.76 -27.40 -3.74
N LEU A 159 -3.27 -26.36 -3.08
CA LEU A 159 -2.41 -25.34 -3.71
C LEU A 159 -1.05 -25.40 -3.03
N ALA A 160 0.01 -25.23 -3.80
CA ALA A 160 1.34 -25.26 -3.19
C ALA A 160 2.28 -24.28 -3.87
N ALA A 161 3.08 -23.60 -3.05
CA ALA A 161 4.11 -22.65 -3.52
C ALA A 161 5.12 -23.41 -4.38
N ALA A 162 5.58 -22.79 -5.47
CA ALA A 162 6.53 -23.44 -6.39
C ALA A 162 8.01 -23.39 -6.03
N GLY A 163 8.36 -22.59 -5.03
CA GLY A 163 9.76 -22.49 -4.64
C GLY A 163 10.28 -21.06 -4.76
N ASP A 164 11.35 -20.73 -4.05
CA ASP A 164 11.89 -19.37 -4.03
C ASP A 164 13.34 -19.32 -4.48
N SER A 165 13.77 -20.37 -5.17
CA SER A 165 15.16 -20.44 -5.61
C SER A 165 15.31 -20.65 -7.12
N GLY A 166 14.40 -20.06 -7.87
CA GLY A 166 14.49 -20.15 -9.31
C GLY A 166 14.41 -21.53 -9.93
N SER A 167 14.89 -21.61 -11.17
CA SER A 167 14.84 -22.84 -11.96
C SER A 167 15.77 -23.97 -11.51
N THR A 168 16.72 -23.64 -10.66
CA THR A 168 17.65 -24.64 -10.14
C THR A 168 17.20 -25.14 -8.76
N ASP A 169 16.21 -24.45 -8.19
CA ASP A 169 15.63 -24.79 -6.89
C ASP A 169 16.65 -25.03 -5.78
N GLY A 170 17.70 -24.21 -5.76
CA GLY A 170 18.71 -24.33 -4.72
C GLY A 170 19.75 -25.43 -4.83
N GLU A 171 19.67 -26.24 -5.88
CA GLU A 171 20.67 -27.28 -6.03
C GLU A 171 21.80 -26.78 -6.92
N GLN A 172 23.00 -27.30 -6.70
CA GLN A 172 24.16 -26.84 -7.47
C GLN A 172 24.85 -27.97 -8.21
N ASP A 173 24.06 -28.81 -8.86
CA ASP A 173 24.61 -29.90 -9.62
C ASP A 173 24.64 -29.47 -11.08
N GLY A 174 24.37 -28.18 -11.31
CA GLY A 174 24.41 -27.65 -12.66
C GLY A 174 23.20 -27.98 -13.50
N LEU A 175 22.22 -28.67 -12.91
CA LEU A 175 20.99 -29.02 -13.62
C LEU A 175 19.83 -28.19 -13.07
N TYR A 176 18.73 -28.15 -13.81
CA TYR A 176 17.54 -27.42 -13.40
C TYR A 176 16.65 -28.40 -12.63
N HIS A 177 15.89 -27.90 -11.66
CA HIS A 177 15.04 -28.77 -10.84
C HIS A 177 13.75 -28.07 -10.49
N VAL A 178 12.63 -28.81 -10.50
CA VAL A 178 11.36 -28.23 -10.08
C VAL A 178 11.12 -28.75 -8.66
N ASP A 179 10.31 -28.02 -7.91
CA ASP A 179 10.02 -28.34 -6.52
C ASP A 179 8.77 -29.18 -6.30
N PHE A 180 8.77 -29.96 -5.23
CA PHE A 180 7.63 -30.83 -4.87
C PHE A 180 7.23 -30.31 -3.53
N PRO A 181 5.93 -30.33 -3.20
CA PRO A 181 4.75 -30.81 -3.94
C PRO A 181 4.24 -30.08 -5.17
N ALA A 182 4.77 -28.89 -5.50
CA ALA A 182 4.24 -28.22 -6.70
C ALA A 182 4.27 -29.08 -7.98
N ALA A 183 5.25 -29.99 -8.11
CA ALA A 183 5.39 -30.83 -9.31
C ALA A 183 4.24 -31.83 -9.48
N SER A 184 3.59 -32.17 -8.37
CA SER A 184 2.47 -33.10 -8.46
C SER A 184 1.44 -32.57 -9.43
N PRO A 185 0.96 -33.41 -10.36
CA PRO A 185 -0.04 -32.89 -11.29
C PRO A 185 -1.39 -32.62 -10.60
N TYR A 186 -1.55 -33.12 -9.38
CA TYR A 186 -2.82 -32.90 -8.68
C TYR A 186 -2.85 -31.67 -7.80
N VAL A 187 -1.76 -30.91 -7.85
CA VAL A 187 -1.63 -29.71 -7.06
C VAL A 187 -1.70 -28.47 -7.93
N LEU A 188 -2.31 -27.41 -7.41
CA LEU A 188 -2.35 -26.15 -8.15
C LEU A 188 -1.01 -25.50 -7.76
N ALA A 189 -0.03 -25.63 -8.65
CA ALA A 189 1.31 -25.09 -8.40
C ALA A 189 1.28 -23.57 -8.57
N CYS A 190 1.74 -22.87 -7.53
CA CYS A 190 1.74 -21.41 -7.50
C CYS A 190 3.11 -20.75 -7.59
N GLY A 191 3.36 -20.09 -8.72
CA GLY A 191 4.60 -19.38 -8.97
C GLY A 191 4.52 -17.92 -8.53
N GLY A 192 5.61 -17.20 -8.75
CA GLY A 192 5.68 -15.82 -8.29
C GLY A 192 6.10 -14.73 -9.24
N THR A 193 5.47 -13.57 -9.06
CA THR A 193 5.75 -12.41 -9.91
C THR A 193 6.13 -11.18 -9.11
N ARG A 194 6.62 -10.16 -9.83
CA ARG A 194 6.88 -8.85 -9.27
C ARG A 194 5.68 -8.08 -9.79
N LEU A 195 4.83 -7.62 -8.90
CA LEU A 195 3.61 -6.91 -9.30
C LEU A 195 3.61 -5.43 -8.99
N VAL A 196 3.34 -4.61 -10.00
CA VAL A 196 3.24 -3.17 -9.79
C VAL A 196 1.78 -2.92 -10.15
N ALA A 197 0.99 -2.58 -9.13
CA ALA A 197 -0.43 -2.38 -9.33
C ALA A 197 -1.03 -1.37 -8.37
N SER A 198 -2.16 -0.80 -8.76
CA SER A 198 -2.89 0.15 -7.95
C SER A 198 -4.34 -0.35 -7.93
N ALA A 199 -5.23 0.29 -7.18
CA ALA A 199 -6.58 -0.24 -7.08
C ALA A 199 -7.31 -0.49 -8.42
N GLY A 200 -7.09 0.36 -9.40
CA GLY A 200 -7.78 0.21 -10.66
C GLY A 200 -7.13 -0.54 -11.81
N ARG A 201 -5.84 -0.83 -11.71
CA ARG A 201 -5.16 -1.53 -12.80
C ARG A 201 -3.79 -2.09 -12.40
N ILE A 202 -3.27 -2.99 -13.24
CA ILE A 202 -1.95 -3.57 -13.02
C ILE A 202 -1.05 -2.81 -14.00
N GLU A 203 -0.10 -2.05 -13.48
CA GLU A 203 0.80 -1.29 -14.36
C GLU A 203 1.87 -2.21 -14.94
N ARG A 204 2.32 -3.20 -14.17
CA ARG A 204 3.34 -4.11 -14.68
C ARG A 204 3.40 -5.37 -13.83
N GLU A 205 3.55 -6.52 -14.47
CA GLU A 205 3.69 -7.78 -13.74
C GLU A 205 4.69 -8.62 -14.53
N THR A 206 5.81 -8.93 -13.87
CA THR A 206 6.91 -9.66 -14.47
C THR A 206 7.34 -10.85 -13.60
N VAL A 207 8.20 -11.71 -14.14
CA VAL A 207 8.66 -12.85 -13.34
C VAL A 207 9.44 -12.35 -12.12
N TRP A 208 9.17 -12.93 -10.96
CA TRP A 208 9.94 -12.56 -9.78
C TRP A 208 11.34 -13.15 -9.92
N ASN A 209 12.34 -12.28 -9.99
CA ASN A 209 13.74 -12.75 -10.06
C ASN A 209 14.61 -11.63 -9.49
N ASP A 210 15.09 -11.85 -8.26
CA ASP A 210 15.95 -10.88 -7.58
C ASP A 210 17.36 -11.43 -7.44
N GLY A 211 17.70 -12.36 -8.33
CA GLY A 211 19.01 -12.96 -8.30
C GLY A 211 19.18 -13.97 -7.18
N PRO A 212 20.38 -14.56 -7.05
CA PRO A 212 20.73 -15.56 -6.02
C PRO A 212 20.43 -15.04 -4.62
N ASP A 213 20.73 -13.77 -4.39
CA ASP A 213 20.57 -13.15 -3.09
C ASP A 213 19.15 -12.77 -2.70
N GLY A 214 18.30 -12.47 -3.68
CA GLY A 214 16.92 -12.08 -3.38
C GLY A 214 15.86 -13.13 -3.70
N GLY A 215 16.26 -14.22 -4.36
CA GLY A 215 15.30 -15.27 -4.66
C GLY A 215 14.56 -15.07 -5.98
N SER A 216 13.94 -16.14 -6.45
CA SER A 216 13.20 -16.10 -7.72
C SER A 216 12.18 -17.24 -7.72
N THR A 217 11.11 -17.09 -8.48
CA THR A 217 10.10 -18.14 -8.48
C THR A 217 10.59 -19.48 -9.00
N GLY A 218 10.08 -20.56 -8.38
CA GLY A 218 10.38 -21.88 -8.86
C GLY A 218 9.58 -22.07 -10.16
N GLY A 219 10.01 -23.00 -11.02
CA GLY A 219 9.28 -23.25 -12.25
C GLY A 219 10.15 -24.05 -13.19
N GLY A 220 9.53 -24.86 -14.06
CA GLY A 220 10.33 -25.67 -14.95
C GLY A 220 9.54 -26.86 -15.48
N VAL A 221 10.22 -27.96 -15.69
CA VAL A 221 9.62 -29.18 -16.24
C VAL A 221 9.99 -30.38 -15.36
N SER A 222 8.99 -31.08 -14.86
CA SER A 222 9.21 -32.24 -14.00
C SER A 222 9.95 -33.35 -14.72
N ARG A 223 10.88 -34.00 -14.02
CA ARG A 223 11.63 -35.13 -14.57
C ARG A 223 10.96 -36.40 -14.10
N ILE A 224 10.01 -36.25 -13.18
CA ILE A 224 9.31 -37.38 -12.55
C ILE A 224 7.90 -37.62 -13.09
N PHE A 225 7.12 -36.55 -13.19
CA PHE A 225 5.74 -36.66 -13.64
C PHE A 225 5.56 -36.40 -15.12
N PRO A 226 4.95 -37.35 -15.83
CA PRO A 226 4.74 -37.13 -17.27
C PRO A 226 3.86 -35.88 -17.49
N LEU A 227 3.91 -35.37 -18.72
CA LEU A 227 3.10 -34.22 -19.09
C LEU A 227 1.61 -34.66 -18.99
N PRO A 228 0.78 -33.99 -18.17
CA PRO A 228 -0.63 -34.38 -18.05
C PRO A 228 -1.42 -34.13 -19.33
N SER A 229 -2.40 -34.98 -19.58
CA SER A 229 -3.25 -34.81 -20.76
C SER A 229 -3.86 -33.42 -20.85
N TRP A 230 -4.34 -32.89 -19.72
CA TRP A 230 -4.96 -31.57 -19.73
C TRP A 230 -3.96 -30.43 -19.90
N GLN A 231 -2.67 -30.72 -19.89
CA GLN A 231 -1.67 -29.67 -20.03
C GLN A 231 -0.97 -29.73 -21.39
N GLU A 232 -1.41 -30.64 -22.26
CA GLU A 232 -0.77 -30.79 -23.57
C GLU A 232 -0.99 -29.63 -24.52
N ARG A 233 -1.93 -28.74 -24.22
CA ARG A 233 -2.15 -27.60 -25.11
C ARG A 233 -1.43 -26.34 -24.63
N ALA A 234 -0.72 -26.47 -23.49
CA ALA A 234 0.00 -25.34 -22.90
C ALA A 234 1.35 -25.05 -23.52
N ASN A 235 1.79 -25.91 -24.42
CA ASN A 235 3.09 -25.75 -25.05
C ASN A 235 4.23 -25.75 -24.02
N VAL A 236 4.15 -26.66 -23.06
CA VAL A 236 5.22 -26.78 -22.06
C VAL A 236 6.44 -27.21 -22.87
N PRO A 237 7.62 -26.62 -22.59
CA PRO A 237 8.76 -27.05 -23.39
C PRO A 237 9.40 -28.31 -22.82
N PRO A 238 10.34 -28.92 -23.57
CA PRO A 238 10.94 -30.12 -22.96
C PRO A 238 11.87 -29.60 -21.88
N SER A 239 12.33 -30.46 -20.98
CA SER A 239 13.22 -30.03 -19.92
C SER A 239 14.48 -29.41 -20.51
N ALA A 240 15.06 -28.45 -19.81
CA ALA A 240 16.29 -27.82 -20.29
C ALA A 240 17.49 -28.69 -19.94
N ASN A 241 17.26 -29.72 -19.12
CA ASN A 241 18.34 -30.64 -18.74
C ASN A 241 18.71 -31.56 -19.89
N PRO A 242 20.00 -31.96 -19.97
CA PRO A 242 20.45 -32.86 -21.03
C PRO A 242 19.53 -34.08 -21.06
N GLY A 243 18.97 -34.36 -22.23
CA GLY A 243 18.05 -35.47 -22.33
C GLY A 243 16.69 -34.89 -22.69
N ALA A 244 16.52 -33.60 -22.41
CA ALA A 244 15.28 -32.86 -22.70
C ALA A 244 14.00 -33.68 -22.63
N GLY A 245 13.80 -34.44 -21.56
CA GLY A 245 12.59 -35.22 -21.44
C GLY A 245 11.33 -34.35 -21.33
N SER A 246 10.18 -34.94 -21.63
CA SER A 246 8.90 -34.23 -21.54
C SER A 246 8.37 -34.39 -20.12
N GLY A 247 7.68 -33.40 -19.58
CA GLY A 247 7.17 -33.56 -18.23
C GLY A 247 6.15 -32.52 -17.82
N ARG A 248 5.56 -32.73 -16.64
CA ARG A 248 4.55 -31.82 -16.10
C ARG A 248 5.22 -30.45 -15.91
N GLY A 249 4.61 -29.41 -16.48
CA GLY A 249 5.16 -28.06 -16.38
C GLY A 249 4.73 -27.33 -15.12
N VAL A 250 5.70 -26.64 -14.50
CA VAL A 250 5.46 -25.89 -13.27
C VAL A 250 5.80 -24.42 -13.55
N PRO A 251 5.00 -23.47 -13.02
CA PRO A 251 3.80 -23.59 -12.19
C PRO A 251 2.54 -23.61 -13.05
N ASP A 252 1.38 -23.55 -12.40
CA ASP A 252 0.12 -23.53 -13.12
C ASP A 252 -0.38 -22.08 -13.23
N VAL A 253 -0.22 -21.33 -12.14
CA VAL A 253 -0.64 -19.92 -12.12
C VAL A 253 0.42 -19.17 -11.32
N ALA A 254 0.30 -17.86 -11.25
CA ALA A 254 1.29 -17.13 -10.47
C ALA A 254 0.72 -15.85 -9.89
N GLY A 255 1.35 -15.34 -8.83
CA GLY A 255 0.89 -14.10 -8.24
C GLY A 255 2.06 -13.39 -7.54
N ASN A 256 1.81 -12.17 -7.08
CA ASN A 256 2.84 -11.39 -6.42
C ASN A 256 3.58 -12.16 -5.33
N ALA A 257 4.92 -12.21 -5.48
CA ALA A 257 5.81 -12.91 -4.57
C ALA A 257 7.12 -12.17 -4.26
N ASP A 258 7.44 -11.19 -5.10
CA ASP A 258 8.70 -10.46 -4.91
C ASP A 258 8.70 -9.70 -3.58
N PRO A 259 9.70 -9.99 -2.70
CA PRO A 259 9.75 -9.29 -1.41
C PRO A 259 9.87 -7.78 -1.63
N ALA A 260 10.47 -7.41 -2.77
CA ALA A 260 10.64 -6.01 -3.11
C ALA A 260 9.32 -5.29 -3.45
N THR A 261 8.24 -6.07 -3.61
CA THR A 261 6.88 -5.53 -3.81
C THR A 261 6.03 -6.49 -3.00
N GLY A 262 6.54 -6.80 -1.80
CA GLY A 262 5.94 -7.78 -0.91
C GLY A 262 4.69 -7.44 -0.13
N TYR A 263 4.38 -8.32 0.82
CA TYR A 263 3.19 -8.20 1.67
C TYR A 263 3.50 -7.61 3.05
N GLU A 264 2.74 -6.58 3.44
CA GLU A 264 2.92 -6.00 4.78
C GLU A 264 2.16 -6.94 5.70
N VAL A 265 2.84 -7.44 6.73
CA VAL A 265 2.24 -8.40 7.65
C VAL A 265 2.77 -8.13 9.07
N VAL A 266 2.15 -8.70 10.09
CA VAL A 266 2.65 -8.53 11.45
C VAL A 266 3.10 -9.90 11.94
N ILE A 267 4.41 -10.05 12.16
N ILE A 267 4.41 -10.03 12.16
CA ILE A 267 4.94 -11.33 12.62
CA ILE A 267 4.98 -11.30 12.60
C ILE A 267 5.55 -11.18 14.01
C ILE A 267 5.54 -11.18 14.01
N ASP A 268 5.01 -11.95 14.95
CA ASP A 268 5.51 -11.91 16.34
C ASP A 268 5.60 -10.47 16.87
N GLY A 269 4.57 -9.68 16.58
CA GLY A 269 4.48 -8.32 17.04
C GLY A 269 5.20 -7.27 16.19
N GLU A 270 5.97 -7.72 15.21
CA GLU A 270 6.72 -6.81 14.33
C GLU A 270 6.06 -6.60 12.96
N THR A 271 5.86 -5.33 12.60
CA THR A 271 5.28 -4.98 11.30
C THR A 271 6.42 -5.02 10.31
N THR A 272 6.28 -5.81 9.26
CA THR A 272 7.38 -5.99 8.33
C THR A 272 6.83 -6.40 6.97
N VAL A 273 7.73 -6.71 6.05
CA VAL A 273 7.33 -7.12 4.71
C VAL A 273 7.89 -8.51 4.44
N ILE A 274 7.05 -9.38 3.88
CA ILE A 274 7.45 -10.72 3.50
C ILE A 274 6.94 -11.04 2.11
N GLY A 275 7.71 -11.85 1.38
CA GLY A 275 7.33 -12.27 0.05
C GLY A 275 7.59 -13.74 -0.09
N GLY A 276 7.85 -14.17 -1.32
CA GLY A 276 8.10 -15.56 -1.62
C GLY A 276 6.85 -16.22 -2.19
N THR A 277 7.01 -17.33 -2.90
CA THR A 277 5.83 -18.03 -3.44
C THR A 277 4.97 -18.52 -2.27
N SER A 278 5.59 -18.58 -1.09
CA SER A 278 4.86 -18.94 0.14
C SER A 278 3.56 -18.11 0.33
N ALA A 279 3.56 -16.87 -0.13
CA ALA A 279 2.38 -15.99 0.01
C ALA A 279 1.32 -16.27 -1.05
N VAL A 280 1.75 -16.83 -2.18
CA VAL A 280 0.81 -17.06 -3.27
C VAL A 280 -0.19 -18.18 -3.03
N ALA A 281 0.23 -19.26 -2.37
CA ALA A 281 -0.73 -20.35 -2.13
C ALA A 281 -1.90 -19.85 -1.25
N PRO A 282 -1.60 -19.20 -0.10
CA PRO A 282 -2.65 -18.67 0.80
C PRO A 282 -3.51 -17.64 0.04
N LEU A 283 -2.87 -16.80 -0.78
CA LEU A 283 -3.59 -15.77 -1.54
C LEU A 283 -4.68 -16.39 -2.42
N PHE A 284 -4.32 -17.40 -3.21
CA PHE A 284 -5.29 -18.02 -4.10
C PHE A 284 -6.18 -19.00 -3.34
N ALA A 285 -5.74 -19.46 -2.17
CA ALA A 285 -6.62 -20.34 -1.39
C ALA A 285 -7.83 -19.46 -1.00
N ALA A 286 -7.58 -18.18 -0.67
CA ALA A 286 -8.68 -17.28 -0.30
C ALA A 286 -9.60 -17.06 -1.50
N LEU A 287 -9.00 -16.98 -2.69
CA LEU A 287 -9.81 -16.78 -3.89
C LEU A 287 -10.73 -17.96 -4.10
N VAL A 288 -10.19 -19.16 -3.99
CA VAL A 288 -11.00 -20.36 -4.17
C VAL A 288 -12.11 -20.39 -3.09
N ALA A 289 -11.76 -19.98 -1.88
CA ALA A 289 -12.76 -19.99 -0.80
C ALA A 289 -13.97 -19.13 -1.21
N ARG A 290 -13.72 -17.94 -1.75
CA ARG A 290 -14.80 -17.06 -2.19
C ARG A 290 -15.61 -17.69 -3.31
N ILE A 291 -14.90 -18.33 -4.24
CA ILE A 291 -15.56 -18.98 -5.35
C ILE A 291 -16.44 -20.12 -4.87
N ASN A 292 -15.91 -20.94 -3.97
CA ASN A 292 -16.70 -22.06 -3.43
C ASN A 292 -17.97 -21.53 -2.74
N GLN A 293 -17.84 -20.43 -2.00
CA GLN A 293 -18.99 -19.85 -1.31
C GLN A 293 -20.07 -19.49 -2.32
N LYS A 294 -19.68 -18.81 -3.39
CA LYS A 294 -20.66 -18.40 -4.41
C LYS A 294 -21.33 -19.59 -5.10
N LEU A 295 -20.53 -20.60 -5.44
CA LEU A 295 -21.05 -21.79 -6.13
C LEU A 295 -21.86 -22.74 -5.24
N GLY A 296 -21.63 -22.68 -3.94
CA GLY A 296 -22.38 -23.55 -3.04
C GLY A 296 -21.90 -24.99 -3.04
N LYS A 297 -20.79 -25.24 -3.73
CA LYS A 297 -20.18 -26.56 -3.80
C LYS A 297 -18.69 -26.32 -4.10
N PRO A 298 -17.79 -27.16 -3.55
CA PRO A 298 -16.35 -26.97 -3.79
C PRO A 298 -15.88 -27.25 -5.22
N VAL A 299 -15.01 -26.38 -5.73
CA VAL A 299 -14.47 -26.58 -7.08
C VAL A 299 -13.50 -27.77 -7.10
N GLY A 300 -12.93 -28.10 -5.94
CA GLY A 300 -12.01 -29.24 -5.89
C GLY A 300 -10.82 -29.08 -6.82
N TYR A 301 -10.52 -30.14 -7.56
CA TYR A 301 -9.38 -30.14 -8.48
C TYR A 301 -9.69 -29.20 -9.63
N LEU A 302 -8.88 -28.15 -9.76
CA LEU A 302 -9.10 -27.16 -10.79
C LEU A 302 -8.22 -27.27 -12.03
N ASN A 303 -7.05 -27.89 -11.92
CA ASN A 303 -6.11 -27.89 -13.05
C ASN A 303 -6.72 -28.17 -14.42
N PRO A 304 -7.39 -29.32 -14.60
CA PRO A 304 -7.96 -29.57 -15.94
C PRO A 304 -8.83 -28.42 -16.47
N THR A 305 -9.68 -27.87 -15.62
CA THR A 305 -10.57 -26.78 -16.04
C THR A 305 -9.82 -25.51 -16.38
N LEU A 306 -8.89 -25.11 -15.52
CA LEU A 306 -8.13 -23.89 -15.76
C LEU A 306 -7.45 -23.87 -17.11
N TYR A 307 -6.91 -25.01 -17.53
CA TYR A 307 -6.19 -25.07 -18.79
C TYR A 307 -7.11 -25.05 -20.01
N GLN A 308 -8.42 -25.10 -19.79
CA GLN A 308 -9.30 -25.04 -20.95
C GLN A 308 -10.14 -23.78 -20.97
N LEU A 309 -9.84 -22.85 -20.06
CA LEU A 309 -10.56 -21.57 -19.99
C LEU A 309 -10.02 -20.61 -21.03
N PRO A 310 -10.83 -19.60 -21.39
CA PRO A 310 -10.37 -18.64 -22.40
C PRO A 310 -9.30 -17.70 -21.86
N PRO A 311 -8.59 -17.00 -22.75
CA PRO A 311 -7.55 -16.07 -22.30
C PRO A 311 -7.97 -14.93 -21.38
N GLU A 312 -9.23 -14.52 -21.43
CA GLU A 312 -9.69 -13.42 -20.59
C GLU A 312 -9.63 -13.68 -19.09
N VAL A 313 -9.54 -14.95 -18.69
CA VAL A 313 -9.53 -15.28 -17.28
C VAL A 313 -8.18 -15.03 -16.60
N PHE A 314 -7.12 -14.92 -17.40
CA PHE A 314 -5.80 -14.69 -16.82
C PHE A 314 -5.08 -13.48 -17.38
N HIS A 315 -4.16 -12.95 -16.59
CA HIS A 315 -3.32 -11.84 -17.03
C HIS A 315 -2.00 -12.56 -17.36
N ASP A 316 -1.61 -12.50 -18.63
CA ASP A 316 -0.41 -13.17 -19.14
C ASP A 316 0.87 -12.45 -18.75
N ILE A 317 1.79 -13.14 -18.07
CA ILE A 317 3.08 -12.51 -17.74
C ILE A 317 3.96 -12.94 -18.89
N THR A 318 4.63 -12.00 -19.54
CA THR A 318 5.44 -12.35 -20.72
C THR A 318 6.90 -11.95 -20.62
N GLU A 319 7.23 -11.23 -19.56
CA GLU A 319 8.58 -10.74 -19.38
C GLU A 319 9.29 -11.26 -18.15
N GLY A 320 10.57 -11.60 -18.33
CA GLY A 320 11.42 -12.09 -17.24
C GLY A 320 11.78 -13.57 -17.36
N ASN A 321 12.65 -14.04 -16.46
CA ASN A 321 13.07 -15.43 -16.44
C ASN A 321 13.31 -15.78 -14.97
N ASN A 322 13.37 -17.08 -14.66
CA ASN A 322 13.62 -17.44 -13.25
C ASN A 322 14.98 -18.11 -13.06
N ASP A 323 15.95 -17.67 -13.85
CA ASP A 323 17.29 -18.21 -13.77
C ASP A 323 18.11 -17.34 -12.79
N ILE A 324 18.57 -17.94 -11.70
CA ILE A 324 19.41 -17.24 -10.73
C ILE A 324 20.76 -17.97 -10.60
N ALA A 325 21.02 -18.92 -11.50
CA ALA A 325 22.25 -19.72 -11.45
C ALA A 325 23.30 -19.38 -12.51
N ASN A 326 22.83 -18.97 -13.68
CA ASN A 326 23.73 -18.69 -14.80
C ASN A 326 23.10 -17.70 -15.78
N ARG A 327 23.71 -17.49 -16.94
CA ARG A 327 23.18 -16.51 -17.89
C ARG A 327 22.32 -17.09 -19.01
N ALA A 328 21.94 -18.35 -18.91
CA ALA A 328 21.17 -18.95 -20.01
C ALA A 328 19.70 -18.55 -20.06
N ARG A 329 19.23 -17.85 -19.05
CA ARG A 329 17.83 -17.45 -18.99
C ARG A 329 16.83 -18.62 -19.05
N ILE A 330 17.15 -19.74 -18.37
CA ILE A 330 16.31 -20.92 -18.26
C ILE A 330 15.63 -20.89 -16.90
N TYR A 331 14.30 -20.86 -16.86
CA TYR A 331 13.47 -20.83 -18.06
C TYR A 331 12.99 -19.40 -18.28
N GLN A 332 12.42 -19.08 -19.44
CA GLN A 332 11.93 -17.72 -19.71
C GLN A 332 10.40 -17.58 -19.84
N ALA A 333 9.87 -16.42 -19.45
CA ALA A 333 8.44 -16.15 -19.58
C ALA A 333 8.18 -15.77 -21.05
N GLY A 334 6.95 -15.92 -21.48
CA GLY A 334 6.61 -15.55 -22.85
C GLY A 334 5.11 -15.57 -23.03
N PRO A 335 4.62 -15.38 -24.25
CA PRO A 335 3.16 -15.40 -24.42
C PRO A 335 2.59 -16.80 -24.13
N GLY A 336 1.43 -16.82 -23.48
CA GLY A 336 0.80 -18.10 -23.16
C GLY A 336 1.44 -18.73 -21.92
N TRP A 337 1.20 -20.01 -21.68
CA TRP A 337 1.78 -20.67 -20.53
C TRP A 337 3.31 -20.64 -20.63
N ASP A 338 4.00 -20.50 -19.49
CA ASP A 338 5.46 -20.60 -19.52
C ASP A 338 5.91 -21.22 -18.19
N PRO A 339 7.16 -21.70 -18.14
CA PRO A 339 7.65 -22.33 -16.92
C PRO A 339 8.10 -21.38 -15.81
N CYS A 340 7.59 -20.15 -15.82
CA CYS A 340 7.93 -19.21 -14.76
C CYS A 340 6.65 -18.81 -14.07
N THR A 341 5.60 -18.63 -14.87
CA THR A 341 4.33 -18.15 -14.34
C THR A 341 3.10 -18.92 -14.75
N GLY A 342 3.28 -20.02 -15.49
CA GLY A 342 2.10 -20.78 -15.88
C GLY A 342 1.14 -19.95 -16.70
N LEU A 343 -0.15 -20.08 -16.42
CA LEU A 343 -1.23 -19.36 -17.12
C LEU A 343 -1.23 -17.87 -16.79
N GLY A 344 -0.43 -17.51 -15.79
CA GLY A 344 -0.34 -16.12 -15.35
C GLY A 344 -1.11 -15.88 -14.06
N SER A 345 -1.46 -14.63 -13.80
CA SER A 345 -2.21 -14.33 -12.59
C SER A 345 -3.71 -14.35 -12.91
N PRO A 346 -4.50 -14.99 -12.03
CA PRO A 346 -5.93 -15.03 -12.27
C PRO A 346 -6.61 -13.68 -12.08
N ILE A 347 -7.67 -13.48 -12.84
CA ILE A 347 -8.49 -12.28 -12.72
C ILE A 347 -9.73 -12.89 -12.04
N GLY A 348 -9.80 -12.71 -10.74
CA GLY A 348 -10.84 -13.33 -9.93
C GLY A 348 -12.27 -13.38 -10.41
N ILE A 349 -12.82 -12.21 -10.68
CA ILE A 349 -14.21 -12.12 -11.11
C ILE A 349 -14.43 -12.88 -12.42
N ARG A 350 -13.42 -12.89 -13.29
CA ARG A 350 -13.55 -13.60 -14.55
C ARG A 350 -13.48 -15.12 -14.34
N LEU A 351 -12.62 -15.55 -13.41
CA LEU A 351 -12.53 -16.99 -13.12
C LEU A 351 -13.87 -17.45 -12.53
N LEU A 352 -14.43 -16.65 -11.63
CA LEU A 352 -15.71 -17.00 -11.02
C LEU A 352 -16.80 -17.10 -12.08
N GLN A 353 -16.89 -16.09 -12.94
CA GLN A 353 -17.89 -16.08 -14.01
C GLN A 353 -17.75 -17.34 -14.87
N ALA A 354 -16.50 -17.71 -15.15
CA ALA A 354 -16.23 -18.89 -15.98
C ALA A 354 -16.68 -20.18 -15.32
N LEU A 355 -16.76 -20.18 -13.99
CA LEU A 355 -17.15 -21.37 -13.24
C LEU A 355 -18.64 -21.41 -12.85
N LEU A 356 -19.34 -20.31 -13.04
CA LEU A 356 -20.77 -20.25 -12.73
C LEU A 356 -21.56 -21.18 -13.65
N PRO A 357 -22.45 -22.01 -13.09
CA PRO A 357 -23.26 -22.93 -13.91
C PRO A 357 -23.98 -22.25 -15.06
N ALA B 1 11.21 41.83 -2.73
CA ALA B 1 12.47 42.36 -2.15
C ALA B 1 12.51 42.15 -0.64
N ALA B 2 11.93 43.09 0.10
CA ALA B 2 11.89 43.00 1.55
C ALA B 2 10.90 41.93 2.00
N PRO B 3 11.21 41.23 3.11
CA PRO B 3 10.33 40.18 3.64
C PRO B 3 9.00 40.73 4.14
N THR B 4 7.90 40.20 3.61
CA THR B 4 6.58 40.64 4.00
C THR B 4 5.89 39.54 4.78
N ALA B 5 4.64 39.77 5.13
CA ALA B 5 3.88 38.78 5.86
C ALA B 5 2.40 39.00 5.65
N TYR B 6 1.61 37.95 5.86
CA TYR B 6 0.17 38.04 5.76
C TYR B 6 -0.43 37.37 6.98
N THR B 7 -1.66 37.72 7.32
CA THR B 7 -2.35 36.96 8.38
C THR B 7 -3.03 35.90 7.49
N PRO B 8 -3.45 34.77 8.06
CA PRO B 8 -4.11 33.76 7.24
C PRO B 8 -5.34 34.31 6.50
N LEU B 9 -6.04 35.25 7.10
CA LEU B 9 -7.23 35.80 6.48
C LEU B 9 -6.90 36.52 5.19
N ASP B 10 -5.73 37.17 5.14
CA ASP B 10 -5.33 37.87 3.94
C ASP B 10 -5.05 36.88 2.81
N VAL B 11 -4.43 35.75 3.13
CA VAL B 11 -4.15 34.76 2.12
C VAL B 11 -5.46 34.16 1.61
N ALA B 12 -6.37 33.88 2.54
CA ALA B 12 -7.68 33.32 2.20
C ALA B 12 -8.41 34.25 1.22
N GLN B 13 -8.31 35.55 1.44
CA GLN B 13 -8.95 36.49 0.53
C GLN B 13 -8.35 36.48 -0.85
N ALA B 14 -7.02 36.39 -0.92
CA ALA B 14 -6.33 36.37 -2.20
C ALA B 14 -6.77 35.15 -3.01
N TYR B 15 -7.02 34.05 -2.29
CA TYR B 15 -7.44 32.78 -2.89
C TYR B 15 -8.97 32.69 -2.96
N GLN B 16 -9.63 33.82 -2.78
CA GLN B 16 -11.10 33.92 -2.84
C GLN B 16 -11.85 32.82 -2.11
N PHE B 17 -11.50 32.60 -0.84
CA PHE B 17 -12.21 31.60 -0.06
C PHE B 17 -13.65 32.07 -0.05
N PRO B 18 -14.60 31.14 -0.10
CA PRO B 18 -16.01 31.52 -0.10
C PRO B 18 -16.43 32.15 1.23
N GLU B 19 -17.03 33.34 1.11
CA GLU B 19 -17.47 34.13 2.25
C GLU B 19 -18.76 33.63 2.87
N GLY B 20 -18.99 34.00 4.13
CA GLY B 20 -20.21 33.59 4.80
C GLY B 20 -20.22 32.16 5.29
N LEU B 21 -19.07 31.50 5.24
CA LEU B 21 -18.94 30.11 5.69
C LEU B 21 -17.75 30.08 6.64
N ASP B 22 -17.90 29.42 7.78
CA ASP B 22 -16.82 29.39 8.76
C ASP B 22 -16.48 27.99 9.26
N GLY B 23 -17.03 26.98 8.57
CA GLY B 23 -16.79 25.60 8.94
C GLY B 23 -17.71 25.09 10.03
N GLN B 24 -18.71 25.87 10.41
CA GLN B 24 -19.62 25.43 11.46
C GLN B 24 -20.17 24.02 11.13
N GLY B 25 -20.21 23.15 12.13
CA GLY B 25 -20.73 21.81 11.93
C GLY B 25 -19.65 20.81 11.52
N GLN B 26 -18.45 21.32 11.27
CA GLN B 26 -17.34 20.45 10.86
C GLN B 26 -16.25 20.30 11.92
N CYS B 27 -15.51 19.21 11.85
CA CYS B 27 -14.38 18.99 12.75
C CYS B 27 -13.13 18.73 11.92
N ILE B 28 -12.07 19.47 12.23
CA ILE B 28 -10.81 19.30 11.54
C ILE B 28 -9.84 18.64 12.50
N ALA B 29 -9.29 17.49 12.09
CA ALA B 29 -8.33 16.80 12.94
C ALA B 29 -6.95 17.23 12.44
N ILE B 30 -6.03 17.50 13.36
CA ILE B 30 -4.67 17.90 12.99
C ILE B 30 -3.70 16.93 13.67
N ILE B 31 -2.78 16.36 12.89
CA ILE B 31 -1.83 15.39 13.41
C ILE B 31 -0.52 16.04 13.88
N GLU B 32 -0.07 15.67 15.07
CA GLU B 32 1.17 16.23 15.60
C GLU B 32 2.05 15.13 16.23
N LEU B 33 3.33 15.14 15.91
CA LEU B 33 4.28 14.15 16.42
C LEU B 33 5.24 14.77 17.44
N GLY B 34 4.93 15.97 17.90
CA GLY B 34 5.79 16.65 18.87
C GLY B 34 5.22 18.01 19.31
N GLY B 35 5.84 18.59 20.33
CA GLY B 35 5.40 19.88 20.82
C GLY B 35 3.99 19.95 21.39
N GLY B 36 3.46 21.17 21.45
CA GLY B 36 2.11 21.38 21.97
C GLY B 36 1.67 22.83 21.80
N TYR B 37 0.51 23.16 22.33
CA TYR B 37 0.02 24.53 22.24
C TYR B 37 -0.39 24.99 23.62
N ASP B 38 -0.46 26.31 23.78
CA ASP B 38 -0.85 26.93 25.04
C ASP B 38 -2.06 27.81 24.75
N GLU B 39 -3.02 27.83 25.66
CA GLU B 39 -4.22 28.61 25.46
C GLU B 39 -3.97 30.11 25.33
N THR B 40 -3.00 30.65 26.06
CA THR B 40 -2.73 32.08 25.98
C THR B 40 -2.42 32.56 24.55
N SER B 41 -1.47 31.89 23.89
CA SER B 41 -1.12 32.28 22.53
C SER B 41 -2.32 32.23 21.59
N LEU B 42 -3.12 31.16 21.68
CA LEU B 42 -4.27 31.03 20.78
C LEU B 42 -5.28 32.14 21.01
N ALA B 43 -5.62 32.41 22.26
CA ALA B 43 -6.60 33.46 22.55
C ALA B 43 -6.12 34.83 22.08
N GLN B 44 -4.88 35.15 22.35
CA GLN B 44 -4.28 36.43 21.95
C GLN B 44 -4.32 36.56 20.43
N TYR B 45 -3.98 35.48 19.75
CA TYR B 45 -3.95 35.49 18.31
C TYR B 45 -5.34 35.73 17.69
N PHE B 46 -6.30 34.91 18.07
CA PHE B 46 -7.63 35.06 17.51
C PHE B 46 -8.21 36.44 17.82
N ALA B 47 -8.00 36.89 19.06
CA ALA B 47 -8.50 38.20 19.45
C ALA B 47 -7.89 39.30 18.58
N SER B 48 -6.59 39.20 18.31
CA SER B 48 -5.97 40.22 17.50
C SER B 48 -6.51 40.23 16.07
N LEU B 49 -7.06 39.10 15.61
CA LEU B 49 -7.59 39.03 14.25
C LEU B 49 -9.05 39.44 14.18
N GLY B 50 -9.67 39.65 15.32
CA GLY B 50 -11.07 40.02 15.33
C GLY B 50 -11.94 38.82 15.00
N VAL B 51 -11.45 37.62 15.28
CA VAL B 51 -12.24 36.42 14.99
C VAL B 51 -12.58 35.64 16.25
N SER B 52 -13.76 35.03 16.26
N SER B 52 -13.76 35.01 16.25
CA SER B 52 -14.23 34.22 17.38
CA SER B 52 -14.20 34.25 17.41
C SER B 52 -13.46 32.92 17.47
C SER B 52 -13.45 32.91 17.45
N ALA B 53 -12.65 32.75 18.51
CA ALA B 53 -11.84 31.53 18.68
C ALA B 53 -12.59 30.21 18.58
N PRO B 54 -12.05 29.26 17.79
CA PRO B 54 -12.72 27.97 17.66
C PRO B 54 -12.41 27.13 18.89
N GLN B 55 -13.18 26.07 19.05
CA GLN B 55 -12.97 25.13 20.16
C GLN B 55 -11.81 24.22 19.74
N VAL B 56 -10.80 24.12 20.59
CA VAL B 56 -9.63 23.28 20.31
C VAL B 56 -9.46 22.24 21.41
N VAL B 57 -9.37 20.97 21.03
CA VAL B 57 -9.19 19.90 22.01
C VAL B 57 -8.06 18.98 21.59
N SER B 58 -7.38 18.40 22.59
CA SER B 58 -6.27 17.48 22.36
C SER B 58 -6.68 16.02 22.52
N VAL B 59 -6.09 15.14 21.72
CA VAL B 59 -6.36 13.70 21.81
C VAL B 59 -5.01 12.99 21.98
N SER B 60 -4.89 12.18 23.02
CA SER B 60 -3.65 11.45 23.26
C SER B 60 -3.61 10.10 22.54
N VAL B 61 -2.55 9.90 21.75
CA VAL B 61 -2.35 8.65 21.02
C VAL B 61 -1.06 8.01 21.55
N ASP B 62 -1.13 6.72 21.88
CA ASP B 62 0.03 6.01 22.40
C ASP B 62 0.73 6.77 23.53
N GLY B 63 -0.05 7.39 24.40
CA GLY B 63 0.50 8.11 25.54
C GLY B 63 1.07 9.48 25.29
N ALA B 64 1.11 9.93 24.04
CA ALA B 64 1.64 11.27 23.79
C ALA B 64 0.55 12.28 24.17
N THR B 65 0.96 13.49 24.54
CA THR B 65 0.00 14.50 24.97
C THR B 65 0.40 15.88 24.48
N ASN B 66 -0.46 16.85 24.73
CA ASN B 66 -0.18 18.23 24.36
C ASN B 66 0.92 18.71 25.31
N GLN B 67 2.14 18.83 24.81
CA GLN B 67 3.27 19.25 25.66
C GLN B 67 4.19 20.28 25.03
N PRO B 68 3.82 21.57 25.13
CA PRO B 68 4.68 22.61 24.55
C PRO B 68 6.07 22.64 25.18
N THR B 69 7.10 22.85 24.38
CA THR B 69 8.46 22.92 24.92
C THR B 69 8.78 24.36 25.32
N GLY B 70 8.01 25.30 24.79
CA GLY B 70 8.17 26.71 25.10
C GLY B 70 9.06 27.50 24.15
N ASP B 71 9.69 26.77 23.24
CA ASP B 71 10.61 27.35 22.29
C ASP B 71 9.82 27.73 21.05
N PRO B 72 9.71 29.05 20.77
CA PRO B 72 8.95 29.45 19.59
C PRO B 72 9.53 28.90 18.28
N ASN B 73 10.78 28.48 18.32
CA ASN B 73 11.42 27.93 17.11
C ASN B 73 11.46 26.41 17.08
N GLY B 74 10.79 25.77 18.04
CA GLY B 74 10.74 24.31 18.10
C GLY B 74 9.42 23.80 17.52
N PRO B 75 9.02 22.54 17.79
CA PRO B 75 7.77 21.99 17.26
C PRO B 75 6.49 22.74 17.66
N ASP B 76 6.53 23.54 18.73
CA ASP B 76 5.34 24.32 19.12
C ASP B 76 4.95 25.20 17.93
N GLY B 77 5.95 25.57 17.14
CA GLY B 77 5.75 26.37 15.96
C GLY B 77 4.86 25.62 14.98
N GLU B 78 5.12 24.32 14.80
CA GLU B 78 4.28 23.52 13.88
C GLU B 78 2.87 23.40 14.45
N VAL B 79 2.78 23.05 15.72
CA VAL B 79 1.48 22.83 16.34
C VAL B 79 0.60 24.09 16.35
N GLU B 80 1.17 25.18 16.80
CA GLU B 80 0.42 26.42 16.90
C GLU B 80 0.14 27.03 15.52
N LEU B 81 1.08 26.91 14.61
CA LEU B 81 0.81 27.39 13.23
C LEU B 81 -0.39 26.62 12.67
N ASP B 82 -0.40 25.31 12.87
CA ASP B 82 -1.48 24.50 12.29
C ASP B 82 -2.86 24.90 12.81
N ILE B 83 -2.95 25.06 14.11
CA ILE B 83 -4.21 25.43 14.75
C ILE B 83 -4.61 26.88 14.41
N GLU B 84 -3.63 27.77 14.43
CA GLU B 84 -3.93 29.17 14.14
C GLU B 84 -4.36 29.42 12.71
N VAL B 85 -3.74 28.73 11.76
CA VAL B 85 -4.12 28.91 10.35
C VAL B 85 -5.49 28.31 10.04
N ALA B 86 -5.69 27.06 10.46
CA ALA B 86 -6.97 26.39 10.18
C ALA B 86 -8.08 27.02 11.00
N GLY B 87 -7.79 27.27 12.26
CA GLY B 87 -8.79 27.85 13.14
C GLY B 87 -9.20 29.26 12.80
N ALA B 88 -8.26 30.08 12.36
CA ALA B 88 -8.59 31.46 12.01
C ALA B 88 -9.48 31.52 10.76
N LEU B 89 -9.35 30.51 9.90
CA LEU B 89 -10.09 30.44 8.65
C LEU B 89 -11.39 29.63 8.67
N ALA B 90 -11.53 28.75 9.64
CA ALA B 90 -12.76 27.94 9.80
C ALA B 90 -13.02 27.99 11.29
N PRO B 91 -13.18 29.20 11.85
CA PRO B 91 -13.41 29.33 13.29
C PRO B 91 -14.70 28.65 13.77
N GLY B 92 -15.58 28.33 12.84
CA GLY B 92 -16.82 27.66 13.21
C GLY B 92 -16.60 26.17 13.38
N ALA B 93 -15.48 25.66 12.87
CA ALA B 93 -15.20 24.24 12.99
C ALA B 93 -14.59 23.89 14.35
N LYS B 94 -14.69 22.63 14.75
CA LYS B 94 -14.06 22.21 16.01
C LYS B 94 -12.71 21.65 15.61
N ILE B 95 -11.67 22.01 16.35
CA ILE B 95 -10.33 21.53 16.02
C ILE B 95 -9.92 20.45 17.01
N ALA B 96 -9.55 19.27 16.49
CA ALA B 96 -9.12 18.17 17.33
C ALA B 96 -7.68 17.89 16.96
N VAL B 97 -6.80 18.07 17.93
CA VAL B 97 -5.35 17.88 17.72
C VAL B 97 -4.89 16.54 18.30
N TYR B 98 -4.37 15.67 17.43
CA TYR B 98 -3.92 14.35 17.87
C TYR B 98 -2.40 14.27 18.03
N PHE B 99 -1.96 13.98 19.26
CA PHE B 99 -0.55 13.89 19.57
C PHE B 99 -0.15 12.42 19.69
N ALA B 100 0.91 12.05 18.99
CA ALA B 100 1.43 10.68 18.99
C ALA B 100 2.95 10.72 19.04
N PRO B 101 3.58 9.57 19.40
CA PRO B 101 5.05 9.53 19.46
C PRO B 101 5.57 9.69 18.05
N ASN B 102 6.77 10.23 17.91
CA ASN B 102 7.34 10.38 16.57
C ASN B 102 8.05 9.11 16.15
N THR B 103 7.25 8.12 15.75
CA THR B 103 7.71 6.82 15.26
C THR B 103 6.77 6.45 14.11
N ASP B 104 7.12 5.42 13.36
CA ASP B 104 6.28 4.97 12.25
C ASP B 104 4.90 4.57 12.76
N ALA B 105 4.88 3.79 13.84
CA ALA B 105 3.62 3.33 14.43
C ALA B 105 2.80 4.48 15.01
N GLY B 106 3.48 5.45 15.64
CA GLY B 106 2.77 6.58 16.23
C GLY B 106 2.08 7.41 15.16
N PHE B 107 2.77 7.63 14.03
CA PHE B 107 2.21 8.44 12.95
C PHE B 107 0.99 7.71 12.39
N LEU B 108 1.13 6.41 12.14
CA LEU B 108 0.02 5.61 11.60
C LEU B 108 -1.16 5.64 12.56
N ASN B 109 -0.87 5.41 13.84
CA ASN B 109 -1.91 5.36 14.86
C ASN B 109 -2.63 6.70 15.05
N ALA B 110 -1.92 7.81 14.85
CA ALA B 110 -2.56 9.09 14.99
C ALA B 110 -3.55 9.24 13.82
N ILE B 111 -3.13 8.81 12.63
CA ILE B 111 -4.00 8.93 11.46
C ILE B 111 -5.24 8.06 11.60
N THR B 112 -5.05 6.78 11.94
CA THR B 112 -6.21 5.92 12.08
C THR B 112 -7.11 6.34 13.24
N THR B 113 -6.52 6.80 14.32
CA THR B 113 -7.33 7.22 15.46
C THR B 113 -8.22 8.39 15.07
N ALA B 114 -7.65 9.35 14.35
CA ALA B 114 -8.42 10.51 13.93
C ALA B 114 -9.45 10.11 12.88
N VAL B 115 -9.03 9.36 11.87
CA VAL B 115 -9.97 8.97 10.84
C VAL B 115 -11.21 8.23 11.36
N HIS B 116 -11.01 7.36 12.35
CA HIS B 116 -12.14 6.56 12.87
C HIS B 116 -12.80 7.06 14.14
N ASP B 117 -12.32 8.19 14.65
CA ASP B 117 -12.80 8.77 15.89
C ASP B 117 -14.32 9.02 15.92
N PRO B 118 -15.07 8.23 16.72
CA PRO B 118 -16.52 8.37 16.82
C PRO B 118 -16.97 9.50 17.75
N THR B 119 -16.03 10.06 18.50
CA THR B 119 -16.37 11.17 19.39
C THR B 119 -16.22 12.50 18.66
N HIS B 120 -15.06 12.70 18.05
CA HIS B 120 -14.80 13.94 17.35
C HIS B 120 -15.25 13.94 15.89
N LYS B 121 -15.30 12.76 15.27
CA LYS B 121 -15.78 12.59 13.90
C LYS B 121 -15.32 13.63 12.88
N PRO B 122 -14.00 13.80 12.73
CA PRO B 122 -13.46 14.77 11.77
C PRO B 122 -13.77 14.41 10.33
N SER B 123 -14.07 15.40 9.52
CA SER B 123 -14.36 15.16 8.11
C SER B 123 -13.10 15.45 7.30
N ILE B 124 -12.11 16.04 7.99
CA ILE B 124 -10.86 16.48 7.38
C ILE B 124 -9.71 16.20 8.33
N VAL B 125 -8.58 15.77 7.77
CA VAL B 125 -7.39 15.50 8.55
C VAL B 125 -6.26 16.27 7.85
N SER B 126 -5.58 17.13 8.61
CA SER B 126 -4.48 17.97 8.11
C SER B 126 -3.16 17.47 8.69
N ILE B 127 -2.21 17.21 7.82
CA ILE B 127 -0.90 16.68 8.16
C ILE B 127 0.22 17.59 7.66
N SER B 128 1.13 17.96 8.56
CA SER B 128 2.24 18.84 8.18
C SER B 128 3.59 18.27 8.61
N TRP B 129 3.65 16.95 8.68
CA TRP B 129 4.87 16.21 9.04
C TRP B 129 5.09 15.15 7.96
N GLY B 130 6.32 14.73 7.77
CA GLY B 130 6.56 13.71 6.77
C GLY B 130 8.02 13.33 6.65
N GLY B 131 8.35 12.71 5.52
CA GLY B 131 9.71 12.27 5.27
C GLY B 131 9.83 11.71 3.86
N PRO B 132 11.07 11.60 3.31
CA PRO B 132 11.27 11.07 1.96
C PRO B 132 10.54 9.72 1.83
N GLU B 133 9.72 9.56 0.79
CA GLU B 133 8.96 8.32 0.65
C GLU B 133 9.82 7.06 0.65
N ASP B 134 11.05 7.18 0.15
CA ASP B 134 11.98 6.04 0.06
C ASP B 134 12.87 5.90 1.30
N SER B 135 12.63 6.72 2.31
CA SER B 135 13.37 6.68 3.56
C SER B 135 12.51 5.99 4.63
N TRP B 136 11.27 5.69 4.29
CA TRP B 136 10.35 5.03 5.22
C TRP B 136 10.38 3.52 4.98
N ALA B 137 10.20 2.74 6.04
CA ALA B 137 10.15 1.28 5.90
C ALA B 137 8.98 0.99 4.97
N PRO B 138 9.17 0.11 3.97
CA PRO B 138 8.08 -0.20 3.04
C PRO B 138 6.80 -0.68 3.70
N ALA B 139 6.93 -1.34 4.84
CA ALA B 139 5.73 -1.83 5.49
C ALA B 139 4.91 -0.67 6.06
N SER B 140 5.59 0.40 6.48
N SER B 140 5.61 0.39 6.48
CA SER B 140 4.90 1.55 7.03
CA SER B 140 4.97 1.58 7.04
C SER B 140 4.19 2.31 5.92
C SER B 140 4.24 2.34 5.96
N ILE B 141 4.87 2.44 4.79
CA ILE B 141 4.27 3.13 3.65
C ILE B 141 2.97 2.40 3.27
N ALA B 142 3.03 1.08 3.23
CA ALA B 142 1.85 0.29 2.85
C ALA B 142 0.72 0.48 3.86
N ALA B 143 1.07 0.39 5.13
CA ALA B 143 0.06 0.53 6.15
C ALA B 143 -0.57 1.92 6.14
N MET B 144 0.26 2.95 6.08
N MET B 144 0.27 2.94 6.07
CA MET B 144 -0.23 4.32 6.08
CA MET B 144 -0.20 4.33 6.06
C MET B 144 -1.06 4.58 4.82
C MET B 144 -1.06 4.59 4.81
N ASN B 145 -0.58 4.10 3.69
CA ASN B 145 -1.31 4.28 2.45
C ASN B 145 -2.68 3.61 2.54
N ARG B 146 -2.73 2.42 3.13
CA ARG B 146 -4.02 1.74 3.26
C ARG B 146 -4.93 2.57 4.21
N ALA B 147 -4.34 3.17 5.25
CA ALA B 147 -5.14 4.02 6.15
C ALA B 147 -5.76 5.19 5.35
N PHE B 148 -4.99 5.76 4.43
CA PHE B 148 -5.49 6.87 3.62
C PHE B 148 -6.55 6.35 2.65
N LEU B 149 -6.37 5.13 2.16
CA LEU B 149 -7.37 4.55 1.26
C LEU B 149 -8.67 4.42 2.07
N ASP B 150 -8.56 3.97 3.31
CA ASP B 150 -9.74 3.82 4.17
C ASP B 150 -10.44 5.15 4.40
N ALA B 151 -9.67 6.21 4.62
CA ALA B 151 -10.22 7.53 4.86
C ALA B 151 -11.05 7.98 3.65
N ALA B 152 -10.52 7.71 2.46
CA ALA B 152 -11.20 8.07 1.22
C ALA B 152 -12.53 7.32 1.13
N ALA B 153 -12.52 6.03 1.48
CA ALA B 153 -13.76 5.25 1.43
C ALA B 153 -14.77 5.78 2.45
N LEU B 154 -14.29 6.36 3.53
CA LEU B 154 -15.16 6.90 4.58
C LEU B 154 -15.63 8.34 4.38
N GLY B 155 -15.12 9.01 3.36
CA GLY B 155 -15.53 10.38 3.09
C GLY B 155 -14.75 11.40 3.91
N VAL B 156 -13.52 11.06 4.28
CA VAL B 156 -12.67 11.96 5.07
C VAL B 156 -11.54 12.48 4.17
N THR B 157 -11.40 13.80 4.06
CA THR B 157 -10.36 14.42 3.23
C THR B 157 -9.07 14.44 4.03
N VAL B 158 -7.96 14.04 3.39
CA VAL B 158 -6.66 14.06 4.08
C VAL B 158 -5.72 14.93 3.25
N LEU B 159 -5.18 15.98 3.87
CA LEU B 159 -4.27 16.89 3.19
C LEU B 159 -2.90 16.79 3.86
N ALA B 160 -1.84 16.93 3.07
CA ALA B 160 -0.49 16.84 3.63
C ALA B 160 0.47 17.77 2.93
N ALA B 161 1.29 18.46 3.73
CA ALA B 161 2.35 19.35 3.23
C ALA B 161 3.32 18.49 2.40
N ALA B 162 3.77 19.01 1.26
CA ALA B 162 4.66 18.28 0.36
C ALA B 162 6.14 18.26 0.72
N GLY B 163 6.54 19.05 1.70
CA GLY B 163 7.94 19.09 2.10
C GLY B 163 8.56 20.47 1.91
N ASP B 164 9.68 20.75 2.60
CA ASP B 164 10.31 22.09 2.56
C ASP B 164 11.74 22.09 2.08
N SER B 165 12.14 21.01 1.44
CA SER B 165 13.52 20.88 0.98
C SER B 165 13.61 20.56 -0.50
N GLY B 166 12.75 21.22 -1.28
CA GLY B 166 12.78 21.03 -2.70
C GLY B 166 12.61 19.63 -3.26
N SER B 167 13.12 19.45 -4.48
CA SER B 167 13.02 18.19 -5.23
C SER B 167 13.91 17.03 -4.78
N THR B 168 14.84 17.30 -3.88
CA THR B 168 15.72 16.25 -3.37
C THR B 168 15.24 15.85 -1.97
N ASP B 169 14.26 16.60 -1.46
CA ASP B 169 13.66 16.37 -0.15
C ASP B 169 14.67 16.13 0.97
N GLY B 170 15.78 16.88 0.93
CA GLY B 170 16.78 16.79 1.98
C GLY B 170 17.76 15.65 1.95
N GLU B 171 17.69 14.81 0.92
CA GLU B 171 18.60 13.67 0.81
C GLU B 171 19.77 14.03 -0.09
N GLN B 172 20.94 13.49 0.20
CA GLN B 172 22.13 13.79 -0.57
C GLN B 172 22.70 12.57 -1.26
N ASP B 173 21.84 11.81 -1.93
CA ASP B 173 22.29 10.61 -2.61
C ASP B 173 22.26 10.78 -4.13
N GLY B 174 22.23 12.03 -4.59
CA GLY B 174 22.23 12.27 -6.02
C GLY B 174 20.92 12.04 -6.75
N LEU B 175 19.92 11.53 -6.03
CA LEU B 175 18.61 11.27 -6.63
C LEU B 175 17.60 12.27 -6.14
N TYR B 176 16.51 12.39 -6.90
CA TYR B 176 15.41 13.29 -6.55
C TYR B 176 14.43 12.45 -5.74
N HIS B 177 13.77 13.07 -4.77
CA HIS B 177 12.84 12.35 -3.92
C HIS B 177 11.60 13.17 -3.61
N VAL B 178 10.45 12.49 -3.52
CA VAL B 178 9.24 13.18 -3.09
C VAL B 178 8.93 12.72 -1.68
N ASP B 179 8.17 13.53 -0.96
CA ASP B 179 7.83 13.24 0.43
C ASP B 179 6.55 12.45 0.66
N PHE B 180 6.52 11.70 1.76
CA PHE B 180 5.34 10.92 2.16
C PHE B 180 4.96 11.50 3.52
N PRO B 181 3.67 11.56 3.84
CA PRO B 181 2.49 11.12 3.08
C PRO B 181 2.02 11.85 1.84
N ALA B 182 2.60 12.99 1.49
CA ALA B 182 2.11 13.66 0.28
C ALA B 182 2.11 12.74 -0.96
N ALA B 183 3.06 11.82 -1.07
CA ALA B 183 3.10 10.95 -2.26
C ALA B 183 1.94 9.98 -2.38
N SER B 184 1.25 9.72 -1.27
CA SER B 184 0.13 8.80 -1.34
C SER B 184 -0.90 9.32 -2.35
N PRO B 185 -1.43 8.44 -3.21
CA PRO B 185 -2.41 8.97 -4.16
C PRO B 185 -3.75 9.30 -3.48
N TYR B 186 -3.91 8.88 -2.23
CA TYR B 186 -5.13 9.16 -1.50
C TYR B 186 -5.07 10.45 -0.71
N VAL B 187 -3.93 11.13 -0.78
CA VAL B 187 -3.76 12.37 -0.04
C VAL B 187 -3.77 13.59 -0.95
N LEU B 188 -4.30 14.71 -0.45
CA LEU B 188 -4.27 15.95 -1.25
C LEU B 188 -2.91 16.55 -0.88
N ALA B 189 -1.94 16.37 -1.78
CA ALA B 189 -0.56 16.85 -1.57
C ALA B 189 -0.51 18.36 -1.77
N CYS B 190 0.02 19.07 -0.77
CA CYS B 190 0.04 20.53 -0.82
C CYS B 190 1.45 21.15 -0.93
N GLY B 191 1.73 21.75 -2.09
CA GLY B 191 3.01 22.39 -2.34
C GLY B 191 3.00 23.85 -1.93
N GLY B 192 4.13 24.54 -2.16
CA GLY B 192 4.21 25.93 -1.75
C GLY B 192 4.73 26.91 -2.78
N THR B 193 4.18 28.13 -2.65
CA THR B 193 4.49 29.24 -3.54
C THR B 193 4.92 30.48 -2.79
N ARG B 194 5.41 31.47 -3.55
N ARG B 194 5.41 31.47 -3.54
CA ARG B 194 5.76 32.77 -2.99
CA ARG B 194 5.75 32.76 -2.98
C ARG B 194 4.63 33.66 -3.52
C ARG B 194 4.61 33.63 -3.53
N LEU B 195 3.77 34.12 -2.63
CA LEU B 195 2.64 34.93 -3.02
C LEU B 195 2.76 36.43 -2.82
N VAL B 196 2.42 37.20 -3.85
CA VAL B 196 2.38 38.66 -3.75
C VAL B 196 0.94 38.95 -4.09
N ALA B 197 0.17 39.28 -3.06
CA ALA B 197 -1.24 39.52 -3.28
C ALA B 197 -1.82 40.57 -2.34
N SER B 198 -3.00 41.06 -2.71
CA SER B 198 -3.76 41.99 -1.90
C SER B 198 -5.15 41.37 -1.81
N ALA B 199 -6.09 41.98 -1.10
CA ALA B 199 -7.41 41.38 -0.95
C ALA B 199 -8.19 41.12 -2.25
N GLY B 200 -8.03 41.98 -3.24
CA GLY B 200 -8.78 41.77 -4.47
C GLY B 200 -8.10 41.09 -5.64
N ARG B 201 -6.78 40.91 -5.60
CA ARG B 201 -6.10 40.27 -6.71
C ARG B 201 -4.74 39.71 -6.35
N ILE B 202 -4.26 38.81 -7.18
CA ILE B 202 -2.94 38.22 -6.98
C ILE B 202 -2.03 38.91 -7.98
N GLU B 203 -1.02 39.63 -7.48
CA GLU B 203 -0.12 40.31 -8.39
C GLU B 203 0.94 39.35 -8.93
N ARG B 204 1.38 38.41 -8.09
CA ARG B 204 2.38 37.47 -8.55
C ARG B 204 2.35 36.25 -7.67
N GLU B 205 2.62 35.09 -8.24
CA GLU B 205 2.68 33.86 -7.47
C GLU B 205 3.64 32.93 -8.21
N THR B 206 4.75 32.62 -7.55
CA THR B 206 5.77 31.77 -8.12
C THR B 206 6.10 30.61 -7.20
N VAL B 207 6.95 29.73 -7.68
CA VAL B 207 7.33 28.57 -6.88
C VAL B 207 8.14 29.03 -5.67
N TRP B 208 7.87 28.47 -4.51
CA TRP B 208 8.69 28.81 -3.36
C TRP B 208 10.06 28.13 -3.50
N ASN B 209 11.12 28.93 -3.59
CA ASN B 209 12.47 28.37 -3.65
C ASN B 209 13.43 29.43 -3.13
N ASP B 210 13.89 29.24 -1.89
CA ASP B 210 14.82 30.19 -1.26
C ASP B 210 16.16 29.48 -1.06
N GLY B 211 16.41 28.51 -1.93
CA GLY B 211 17.64 27.77 -1.87
C GLY B 211 17.71 26.78 -0.73
N PRO B 212 18.86 26.11 -0.57
CA PRO B 212 19.14 25.11 0.46
C PRO B 212 18.90 25.66 1.85
N ASP B 213 19.30 26.91 2.05
CA ASP B 213 19.19 27.57 3.35
C ASP B 213 17.80 28.09 3.72
N GLY B 214 17.03 28.56 2.72
CA GLY B 214 15.71 29.11 3.01
C GLY B 214 14.54 28.17 2.77
N GLY B 215 14.80 27.04 2.10
CA GLY B 215 13.75 26.07 1.85
C GLY B 215 13.07 26.25 0.51
N SER B 216 12.43 25.19 0.03
CA SER B 216 11.72 25.23 -1.25
C SER B 216 10.66 24.13 -1.21
N THR B 217 9.58 24.29 -1.99
CA THR B 217 8.52 23.28 -1.93
C THR B 217 8.92 21.88 -2.43
N GLY B 218 8.36 20.86 -1.79
CA GLY B 218 8.64 19.52 -2.25
C GLY B 218 7.82 19.37 -3.53
N GLY B 219 8.15 18.36 -4.32
CA GLY B 219 7.42 18.14 -5.56
C GLY B 219 8.26 17.26 -6.44
N GLY B 220 7.61 16.46 -7.28
CA GLY B 220 8.35 15.58 -8.16
C GLY B 220 7.47 14.45 -8.65
N VAL B 221 8.10 13.30 -8.88
CA VAL B 221 7.43 12.10 -9.38
C VAL B 221 7.76 10.91 -8.48
N SER B 222 6.72 10.30 -7.93
CA SER B 222 6.89 9.17 -7.03
C SER B 222 7.61 7.98 -7.69
N ARG B 223 8.45 7.28 -6.92
CA ARG B 223 9.16 6.09 -7.40
C ARG B 223 8.43 4.90 -6.78
N ILE B 224 7.47 5.17 -5.91
CA ILE B 224 6.73 4.13 -5.21
C ILE B 224 5.29 3.94 -5.69
N PHE B 225 4.59 5.04 -5.94
CA PHE B 225 3.21 4.96 -6.38
C PHE B 225 3.03 5.23 -7.86
N PRO B 226 2.35 4.30 -8.56
CA PRO B 226 2.12 4.45 -10.00
C PRO B 226 1.32 5.72 -10.26
N LEU B 227 1.36 6.18 -11.51
CA LEU B 227 0.62 7.35 -11.93
C LEU B 227 -0.88 7.03 -11.83
N PRO B 228 -1.64 7.77 -10.99
CA PRO B 228 -3.08 7.45 -10.87
C PRO B 228 -3.85 7.68 -12.16
N SER B 229 -4.90 6.89 -12.37
CA SER B 229 -5.70 7.03 -13.58
C SER B 229 -6.26 8.46 -13.70
N TRP B 230 -6.72 9.05 -12.60
CA TRP B 230 -7.27 10.41 -12.66
C TRP B 230 -6.22 11.49 -12.86
N GLN B 231 -4.95 11.14 -12.81
CA GLN B 231 -3.91 12.14 -12.96
C GLN B 231 -3.21 12.00 -14.30
N GLU B 232 -3.66 11.05 -15.13
CA GLU B 232 -3.02 10.84 -16.43
C GLU B 232 -3.18 11.96 -17.45
N ARG B 233 -4.09 12.89 -17.19
CA ARG B 233 -4.26 13.99 -18.14
C ARG B 233 -3.51 15.24 -17.67
N ALA B 234 -2.80 15.10 -16.55
CA ALA B 234 -2.05 16.21 -15.96
C ALA B 234 -0.71 16.44 -16.62
N ASN B 235 -0.29 15.52 -17.48
CA ASN B 235 1.00 15.65 -18.15
C ASN B 235 2.15 15.63 -17.14
N VAL B 236 2.05 14.73 -16.17
CA VAL B 236 3.14 14.59 -15.20
C VAL B 236 4.34 14.12 -16.01
N PRO B 237 5.54 14.71 -15.79
CA PRO B 237 6.68 14.25 -16.58
C PRO B 237 7.27 12.95 -16.03
N PRO B 238 8.15 12.28 -16.79
CA PRO B 238 8.72 11.05 -16.24
C PRO B 238 9.67 11.54 -15.15
N SER B 239 10.03 10.69 -14.20
CA SER B 239 10.94 11.08 -13.15
C SER B 239 12.25 11.55 -13.74
N ALA B 240 12.94 12.46 -13.04
CA ALA B 240 14.23 12.93 -13.50
C ALA B 240 15.26 11.90 -13.03
N ASN B 241 14.81 10.93 -12.25
CA ASN B 241 15.70 9.88 -11.75
C ASN B 241 16.08 8.86 -12.83
N PRO B 242 17.23 8.17 -12.67
CA PRO B 242 17.68 7.18 -13.63
C PRO B 242 16.57 6.20 -13.97
N GLY B 243 16.37 5.95 -15.26
CA GLY B 243 15.31 5.05 -15.69
C GLY B 243 14.12 5.86 -16.15
N ALA B 244 13.89 6.97 -15.47
CA ALA B 244 12.80 7.88 -15.79
C ALA B 244 11.42 7.25 -15.69
N GLY B 245 11.14 6.61 -14.56
CA GLY B 245 9.85 5.97 -14.39
C GLY B 245 8.63 6.88 -14.38
N SER B 246 7.47 6.26 -14.53
CA SER B 246 6.20 6.95 -14.50
C SER B 246 5.76 6.86 -13.03
N GLY B 247 5.11 7.88 -12.50
CA GLY B 247 4.68 7.80 -11.12
C GLY B 247 3.76 8.94 -10.73
N ARG B 248 3.16 8.81 -9.55
CA ARG B 248 2.25 9.80 -9.00
C ARG B 248 2.99 11.13 -8.88
N GLY B 249 2.44 12.16 -9.50
CA GLY B 249 3.07 13.47 -9.46
C GLY B 249 2.69 14.26 -8.22
N VAL B 250 3.67 14.91 -7.60
CA VAL B 250 3.45 15.71 -6.39
C VAL B 250 3.86 17.13 -6.76
N PRO B 251 3.12 18.16 -6.28
CA PRO B 251 1.93 18.16 -5.42
C PRO B 251 0.68 18.18 -6.26
N ASP B 252 -0.48 18.26 -5.61
CA ASP B 252 -1.76 18.33 -6.29
C ASP B 252 -2.18 19.79 -6.45
N VAL B 253 -1.97 20.56 -5.39
CA VAL B 253 -2.30 21.97 -5.36
C VAL B 253 -1.17 22.65 -4.60
N ALA B 254 -1.21 23.98 -4.53
CA ALA B 254 -0.16 24.71 -3.81
C ALA B 254 -0.69 26.05 -3.30
N GLY B 255 -0.05 26.59 -2.27
CA GLY B 255 -0.46 27.88 -1.71
C GLY B 255 0.75 28.54 -1.05
N ASN B 256 0.58 29.79 -0.63
CA ASN B 256 1.67 30.55 -0.01
C ASN B 256 2.40 29.77 1.06
N ALA B 257 3.72 29.66 0.90
CA ALA B 257 4.56 28.92 1.85
C ALA B 257 5.91 29.60 2.09
N ASP B 258 6.26 30.58 1.26
CA ASP B 258 7.57 31.23 1.41
C ASP B 258 7.61 32.03 2.73
N PRO B 259 8.57 31.71 3.63
CA PRO B 259 8.64 32.47 4.89
C PRO B 259 8.89 33.96 4.62
N ALA B 260 9.47 34.28 3.47
CA ALA B 260 9.75 35.66 3.13
C ALA B 260 8.46 36.42 2.81
N THR B 261 7.38 35.67 2.60
CA THR B 261 6.03 36.22 2.38
C THR B 261 5.11 35.34 3.25
N GLY B 262 5.63 35.02 4.43
CA GLY B 262 4.94 34.14 5.36
C GLY B 262 3.69 34.56 6.11
N TYR B 263 3.35 33.74 7.11
CA TYR B 263 2.17 33.93 7.93
C TYR B 263 2.47 34.51 9.31
N GLU B 264 1.73 35.55 9.69
CA GLU B 264 1.92 36.14 11.01
C GLU B 264 1.13 35.23 11.94
N VAL B 265 1.80 34.79 13.01
CA VAL B 265 1.22 33.89 13.98
C VAL B 265 1.83 34.23 15.35
N VAL B 266 1.24 33.68 16.41
CA VAL B 266 1.78 33.90 17.75
C VAL B 266 2.16 32.52 18.26
N ILE B 267 3.46 32.34 18.51
CA ILE B 267 3.99 31.07 18.97
C ILE B 267 4.60 31.21 20.36
N ASP B 268 4.07 30.49 21.32
CA ASP B 268 4.60 30.56 22.69
C ASP B 268 4.77 32.01 23.17
N GLY B 269 3.74 32.81 22.89
CA GLY B 269 3.73 34.21 23.27
C GLY B 269 4.50 35.16 22.38
N GLU B 270 5.16 34.64 21.35
CA GLU B 270 5.94 35.48 20.45
C GLU B 270 5.24 35.70 19.11
N THR B 271 5.05 36.96 18.73
CA THR B 271 4.42 37.27 17.45
C THR B 271 5.55 37.18 16.45
N THR B 272 5.35 36.39 15.42
CA THR B 272 6.44 36.17 14.48
C THR B 272 5.89 35.75 13.12
N VAL B 273 6.78 35.39 12.21
CA VAL B 273 6.37 34.97 10.87
C VAL B 273 6.89 33.57 10.62
N ILE B 274 6.02 32.70 10.14
CA ILE B 274 6.40 31.32 9.85
C ILE B 274 5.86 30.93 8.46
N GLY B 275 6.61 30.10 7.75
CA GLY B 275 6.19 29.63 6.44
C GLY B 275 6.32 28.12 6.38
N GLY B 276 6.54 27.62 5.16
CA GLY B 276 6.69 26.19 4.91
C GLY B 276 5.40 25.61 4.35
N THR B 277 5.50 24.44 3.70
CA THR B 277 4.30 23.80 3.18
C THR B 277 3.44 23.37 4.36
N SER B 278 4.05 23.39 5.55
CA SER B 278 3.33 23.08 6.80
C SER B 278 2.08 23.96 6.98
N ALA B 279 2.11 25.17 6.44
CA ALA B 279 0.97 26.11 6.55
C ALA B 279 -0.14 25.82 5.53
N VAL B 280 0.25 25.22 4.42
CA VAL B 280 -0.70 25.01 3.34
C VAL B 280 -1.73 23.94 3.59
N ALA B 281 -1.35 22.86 4.26
CA ALA B 281 -2.36 21.83 4.51
C ALA B 281 -3.47 22.42 5.40
N PRO B 282 -3.11 23.09 6.51
CA PRO B 282 -4.12 23.70 7.40
C PRO B 282 -4.92 24.75 6.62
N LEU B 283 -4.23 25.51 5.77
CA LEU B 283 -4.90 26.54 4.97
C LEU B 283 -6.04 25.95 4.13
N PHE B 284 -5.76 24.91 3.36
CA PHE B 284 -6.80 24.32 2.52
C PHE B 284 -7.72 23.40 3.33
N ALA B 285 -7.31 23.00 4.53
CA ALA B 285 -8.20 22.18 5.37
C ALA B 285 -9.39 23.09 5.75
N ALA B 286 -9.11 24.38 5.98
CA ALA B 286 -10.16 25.34 6.33
C ALA B 286 -11.08 25.55 5.14
N LEU B 287 -10.49 25.67 3.96
CA LEU B 287 -11.27 25.84 2.72
C LEU B 287 -12.24 24.69 2.57
N VAL B 288 -11.75 23.45 2.69
CA VAL B 288 -12.61 22.27 2.59
C VAL B 288 -13.69 22.32 3.68
N ALA B 289 -13.33 22.73 4.90
CA ALA B 289 -14.36 22.80 5.95
C ALA B 289 -15.49 23.76 5.52
N ARG B 290 -15.13 24.90 4.94
CA ARG B 290 -16.14 25.86 4.48
C ARG B 290 -17.03 25.22 3.41
N ILE B 291 -16.40 24.50 2.48
CA ILE B 291 -17.13 23.85 1.40
C ILE B 291 -18.06 22.76 1.96
N ASN B 292 -17.58 21.93 2.87
CA ASN B 292 -18.40 20.87 3.48
C ASN B 292 -19.61 21.48 4.18
N GLN B 293 -19.40 22.66 4.77
CA GLN B 293 -20.47 23.33 5.47
C GLN B 293 -21.57 23.70 4.46
N LYS B 294 -21.17 24.33 3.35
CA LYS B 294 -22.14 24.72 2.34
C LYS B 294 -22.82 23.52 1.72
N LEU B 295 -22.04 22.50 1.37
CA LEU B 295 -22.59 21.29 0.76
C LEU B 295 -23.51 20.44 1.65
N GLY B 296 -23.28 20.45 2.96
CA GLY B 296 -24.12 19.64 3.81
C GLY B 296 -23.70 18.17 3.87
N LYS B 297 -22.61 17.86 3.16
CA LYS B 297 -22.05 16.51 3.15
C LYS B 297 -20.56 16.67 2.89
N PRO B 298 -19.73 15.81 3.50
CA PRO B 298 -18.27 15.90 3.32
C PRO B 298 -17.82 15.62 1.88
N VAL B 299 -16.91 16.43 1.36
CA VAL B 299 -16.40 16.19 0.01
C VAL B 299 -15.49 14.97 -0.02
N GLY B 300 -14.94 14.61 1.14
CA GLY B 300 -14.05 13.45 1.22
C GLY B 300 -12.87 13.50 0.26
N TYR B 301 -12.64 12.37 -0.40
CA TYR B 301 -11.53 12.25 -1.36
C TYR B 301 -11.79 13.14 -2.57
N LEU B 302 -11.00 14.22 -2.66
CA LEU B 302 -11.15 15.19 -3.75
C LEU B 302 -10.27 15.03 -4.98
N ASN B 303 -9.11 14.35 -4.86
CA ASN B 303 -8.17 14.27 -5.99
C ASN B 303 -8.77 13.99 -7.37
N PRO B 304 -9.52 12.90 -7.53
CA PRO B 304 -10.10 12.65 -8.87
C PRO B 304 -10.91 13.83 -9.44
N THR B 305 -11.79 14.38 -8.62
CA THR B 305 -12.63 15.49 -9.06
C THR B 305 -11.78 16.71 -9.43
N LEU B 306 -10.79 17.03 -8.61
CA LEU B 306 -9.97 18.20 -8.89
C LEU B 306 -9.33 18.19 -10.24
N TYR B 307 -8.85 17.02 -10.66
CA TYR B 307 -8.17 16.90 -11.92
C TYR B 307 -9.07 16.91 -13.14
N GLN B 308 -10.39 16.95 -12.94
CA GLN B 308 -11.26 17.03 -14.10
C GLN B 308 -12.03 18.33 -14.14
N LEU B 309 -11.64 19.28 -13.29
CA LEU B 309 -12.29 20.60 -13.25
C LEU B 309 -11.75 21.55 -14.31
N PRO B 310 -12.56 22.52 -14.74
CA PRO B 310 -12.07 23.44 -15.76
C PRO B 310 -10.93 24.31 -15.26
N PRO B 311 -10.23 24.97 -16.19
CA PRO B 311 -9.11 25.80 -15.76
C PRO B 311 -9.44 26.99 -14.86
N GLU B 312 -10.70 27.45 -14.89
CA GLU B 312 -11.08 28.59 -14.08
C GLU B 312 -11.04 28.33 -12.58
N VAL B 313 -10.98 27.08 -12.16
CA VAL B 313 -10.98 26.78 -10.74
C VAL B 313 -9.62 27.00 -10.06
N PHE B 314 -8.55 27.07 -10.85
CA PHE B 314 -7.22 27.26 -10.30
C PHE B 314 -6.44 28.43 -10.87
N HIS B 315 -5.52 28.97 -10.07
CA HIS B 315 -4.64 30.02 -10.55
C HIS B 315 -3.35 29.26 -10.87
N ASP B 316 -2.93 29.31 -12.13
CA ASP B 316 -1.76 28.59 -12.62
C ASP B 316 -0.42 29.23 -12.25
N ILE B 317 0.47 28.50 -11.55
CA ILE B 317 1.79 29.05 -11.28
C ILE B 317 2.64 28.55 -12.44
N THR B 318 3.35 29.44 -13.13
CA THR B 318 4.14 29.02 -14.28
C THR B 318 5.61 29.35 -14.21
N GLU B 319 6.04 30.06 -13.17
CA GLU B 319 7.44 30.44 -13.06
C GLU B 319 8.08 29.97 -11.77
N GLY B 320 9.32 29.48 -11.90
CA GLY B 320 10.08 29.02 -10.74
C GLY B 320 10.40 27.54 -10.86
N ASN B 321 11.27 27.05 -9.98
CA ASN B 321 11.61 25.64 -9.93
C ASN B 321 11.84 25.28 -8.46
N ASN B 322 11.87 23.99 -8.12
CA ASN B 322 12.07 23.62 -6.72
C ASN B 322 13.39 22.89 -6.51
N ASP B 323 14.38 23.25 -7.32
CA ASP B 323 15.69 22.64 -7.27
C ASP B 323 16.59 23.44 -6.35
N ILE B 324 17.05 22.81 -5.26
CA ILE B 324 17.96 23.48 -4.33
C ILE B 324 19.26 22.70 -4.21
N ALA B 325 19.46 21.75 -5.12
CA ALA B 325 20.66 20.92 -5.10
C ALA B 325 21.66 21.18 -6.22
N ASN B 326 21.17 21.66 -7.36
CA ASN B 326 22.04 21.86 -8.52
C ASN B 326 21.41 22.87 -9.50
N ARG B 327 22.01 23.04 -10.66
CA ARG B 327 21.53 24.02 -11.66
C ARG B 327 20.63 23.41 -12.74
N ALA B 328 20.16 22.18 -12.54
CA ALA B 328 19.34 21.53 -13.55
C ALA B 328 17.87 21.94 -13.63
N ARG B 329 17.43 22.77 -12.71
CA ARG B 329 16.03 23.23 -12.73
C ARG B 329 15.02 22.08 -12.68
N ILE B 330 15.34 21.08 -11.88
CA ILE B 330 14.46 19.95 -11.69
C ILE B 330 13.85 20.01 -10.30
N TYR B 331 12.54 20.15 -10.19
CA TYR B 331 11.63 20.26 -11.33
C TYR B 331 11.26 21.72 -11.58
N GLN B 332 10.65 22.01 -12.73
CA GLN B 332 10.28 23.40 -13.05
C GLN B 332 8.77 23.63 -13.22
N ALA B 333 8.29 24.82 -12.84
CA ALA B 333 6.88 25.15 -13.01
C ALA B 333 6.63 25.50 -14.49
N GLY B 334 5.38 25.44 -14.89
CA GLY B 334 5.06 25.78 -16.26
C GLY B 334 3.56 25.79 -16.47
N PRO B 335 3.11 25.95 -17.71
CA PRO B 335 1.67 25.96 -17.96
C PRO B 335 1.03 24.61 -17.59
N GLY B 336 -0.14 24.65 -16.95
CA GLY B 336 -0.79 23.41 -16.58
C GLY B 336 -0.22 22.82 -15.31
N TRP B 337 -0.50 21.56 -15.04
CA TRP B 337 0.03 20.92 -13.84
C TRP B 337 1.58 20.82 -13.95
N ASP B 338 2.28 20.96 -12.83
CA ASP B 338 3.74 20.78 -12.84
C ASP B 338 4.18 20.17 -11.50
N PRO B 339 5.41 19.65 -11.43
CA PRO B 339 5.85 19.02 -10.18
C PRO B 339 6.36 19.98 -9.11
N CYS B 340 5.91 21.24 -9.14
CA CYS B 340 6.29 22.20 -8.09
C CYS B 340 5.01 22.69 -7.41
N THR B 341 3.95 22.89 -8.19
CA THR B 341 2.72 23.46 -7.66
C THR B 341 1.44 22.76 -8.07
N GLY B 342 1.58 21.64 -8.77
CA GLY B 342 0.40 20.89 -9.17
C GLY B 342 -0.56 21.73 -10.00
N LEU B 343 -1.85 21.69 -9.66
CA LEU B 343 -2.88 22.41 -10.40
C LEU B 343 -2.81 23.92 -10.17
N GLY B 344 -2.02 24.32 -9.19
CA GLY B 344 -1.86 25.74 -8.87
C GLY B 344 -2.59 26.05 -7.56
N SER B 345 -2.87 27.32 -7.30
CA SER B 345 -3.59 27.65 -6.09
C SER B 345 -5.08 27.64 -6.38
N PRO B 346 -5.86 27.06 -5.46
CA PRO B 346 -7.31 27.03 -5.70
C PRO B 346 -7.97 28.40 -5.56
N ILE B 347 -9.00 28.62 -6.36
CA ILE B 347 -9.80 29.85 -6.29
C ILE B 347 -11.05 29.31 -5.59
N GLY B 348 -11.11 29.52 -4.28
CA GLY B 348 -12.17 29.01 -3.43
C GLY B 348 -13.61 29.03 -3.90
N ILE B 349 -14.08 30.22 -4.22
CA ILE B 349 -15.44 30.38 -4.64
C ILE B 349 -15.73 29.54 -5.90
N ARG B 350 -14.76 29.44 -6.80
CA ARG B 350 -14.97 28.65 -8.00
C ARG B 350 -14.95 27.15 -7.72
N LEU B 351 -14.10 26.71 -6.81
CA LEU B 351 -14.09 25.28 -6.48
C LEU B 351 -15.45 24.94 -5.83
N LEU B 352 -15.99 25.85 -5.03
CA LEU B 352 -17.26 25.59 -4.37
C LEU B 352 -18.40 25.52 -5.38
N GLN B 353 -18.43 26.47 -6.31
CA GLN B 353 -19.47 26.50 -7.33
C GLN B 353 -19.41 25.23 -8.18
N ALA B 354 -18.21 24.76 -8.45
CA ALA B 354 -18.01 23.56 -9.24
C ALA B 354 -18.50 22.30 -8.53
N LEU B 355 -18.52 22.35 -7.20
CA LEU B 355 -18.96 21.22 -6.41
C LEU B 355 -20.44 21.22 -6.04
N LEU B 356 -21.12 22.34 -6.30
CA LEU B 356 -22.55 22.41 -6.03
C LEU B 356 -23.24 21.33 -6.86
N PRO B 357 -24.20 20.63 -6.26
CA PRO B 357 -24.91 19.57 -6.98
C PRO B 357 -25.38 19.95 -8.39
N ILE C 2 11.61 -27.24 3.26
CA ILE C 2 12.03 -25.81 3.19
C ILE C 2 10.77 -24.88 3.22
N ALA C 3 10.52 -23.87 4.11
CA ALA C 3 9.59 -22.70 3.99
C ALA C 3 9.75 -21.71 2.85
N ILE D 2 9.65 14.50 10.10
CA ILE D 2 10.13 15.91 9.98
C ILE D 2 8.92 16.91 9.97
N ALA D 3 8.70 17.96 10.81
CA ALA D 3 7.87 19.18 10.68
C ALA D 3 8.08 20.14 9.53
#